data_9ATU
#
_entry.id   9ATU
#
_cell.length_a   75.816
_cell.length_b   121.060
_cell.length_c   147.628
_cell.angle_alpha   90.00
_cell.angle_beta   90.00
_cell.angle_gamma   90.00
#
_symmetry.space_group_name_H-M   'P 21 21 21'
#
loop_
_entity.id
_entity.type
_entity.pdbx_description
1 polymer 'Neutrophil elastase'
2 polymer 'Extracellular Adherence Protein'
3 branched beta-D-mannopyranose-(1-4)-2-acetamido-2-deoxy-beta-D-glucopyranose-(1-4)-[alpha-L-fucopyranose-(1-6)]2-acetamido-2-deoxy-beta-D-glucopyranose
4 branched 2-acetamido-2-deoxy-beta-D-glucopyranose-(1-4)-[alpha-L-fucopyranose-(1-6)]2-acetamido-2-deoxy-beta-D-glucopyranose
5 branched beta-D-mannopyranose-(1-4)-2-acetamido-2-deoxy-beta-D-glucopyranose-(1-4)-2-acetamido-2-deoxy-beta-D-glucopyranose
6 water water
#
loop_
_entity_poly.entity_id
_entity_poly.type
_entity_poly.pdbx_seq_one_letter_code
_entity_poly.pdbx_strand_id
1 'polypeptide(L)'
;IVGGRRARPHAWPFMVSLQLRGGHFCGATLIAPNFVMSAAHCVANVNVRAVRVVLGAHNLSRREPTRQVFAVQRIFENGY
DPVNLLNDIVILQLNGSATINANVQVAQLPAQGRRLGNGVQCLAMGWGLLGRNRGIASVLQELNVTVVTSLCRRSNVCTL
VRGRQAGVCFGDSGSPLVCNGLIHGIASFVRGGCASGLYPDAFAPVAQFVNWIDSIIQ
;
A,C,D,F
2 'polypeptide(L)'
;GSTRYVPYTIAVNGTSTPILSKLKISNKQLISYKYLNDKVKSVLKSERGISDLDLKFAKQAKYTVYFKNGKKQVVNLKSD
IFTPNLFSAKDIKKIDIDVKQYTKSKKK
;
B,E
#
loop_
_chem_comp.id
_chem_comp.type
_chem_comp.name
_chem_comp.formula
BMA D-saccharide, beta linking beta-D-mannopyranose 'C6 H12 O6'
FUC L-saccharide, alpha linking alpha-L-fucopyranose 'C6 H12 O5'
NAG D-saccharide, beta linking 2-acetamido-2-deoxy-beta-D-glucopyranose 'C8 H15 N O6'
#
# COMPACT_ATOMS: atom_id res chain seq x y z
N ILE A 1 0.58 -27.26 -6.56
CA ILE A 1 1.77 -27.09 -7.39
C ILE A 1 1.34 -26.83 -8.82
N VAL A 2 1.76 -25.71 -9.40
CA VAL A 2 1.45 -25.40 -10.79
C VAL A 2 2.67 -25.74 -11.63
N GLY A 3 2.45 -26.46 -12.74
CA GLY A 3 3.55 -26.74 -13.65
C GLY A 3 4.49 -27.84 -13.21
N GLY A 4 4.11 -28.64 -12.23
CA GLY A 4 4.92 -29.73 -11.73
C GLY A 4 4.56 -31.05 -12.38
N ARG A 5 4.90 -32.14 -11.70
CA ARG A 5 4.63 -33.49 -12.17
C ARG A 5 4.22 -34.32 -10.97
N ARG A 6 3.59 -35.47 -11.24
CA ARG A 6 3.21 -36.39 -10.18
C ARG A 6 4.44 -36.99 -9.49
N ALA A 7 4.45 -37.00 -8.17
CA ALA A 7 5.46 -37.75 -7.46
C ALA A 7 5.23 -39.24 -7.65
N ARG A 8 6.31 -40.02 -7.57
CA ARG A 8 6.13 -41.47 -7.46
C ARG A 8 5.52 -41.80 -6.09
N PRO A 9 4.65 -42.79 -6.02
CA PRO A 9 4.00 -43.11 -4.73
C PRO A 9 5.01 -43.25 -3.59
N HIS A 10 4.85 -42.47 -2.53
CA HIS A 10 5.68 -42.60 -1.33
C HIS A 10 7.14 -42.25 -1.58
N ALA A 11 7.42 -41.48 -2.64
CA ALA A 11 8.78 -41.00 -2.85
C ALA A 11 9.24 -40.07 -1.74
N TRP A 12 8.31 -39.36 -1.09
CA TRP A 12 8.64 -38.39 -0.05
C TRP A 12 7.89 -38.78 1.22
N PRO A 13 8.36 -39.80 1.94
CA PRO A 13 7.53 -40.39 3.00
C PRO A 13 7.46 -39.54 4.28
N PHE A 14 8.12 -38.38 4.32
CA PHE A 14 7.92 -37.42 5.41
C PHE A 14 6.76 -36.47 5.12
N MET A 15 6.17 -36.54 3.93
CA MET A 15 5.18 -35.57 3.50
C MET A 15 3.84 -35.84 4.18
N VAL A 16 3.21 -34.77 4.67
CA VAL A 16 2.02 -34.86 5.50
C VAL A 16 0.91 -34.01 4.88
N SER A 17 -0.33 -34.49 4.98
CA SER A 17 -1.53 -33.74 4.62
C SER A 17 -2.27 -33.35 5.89
N LEU A 18 -2.54 -32.07 6.07
CA LEU A 18 -3.43 -31.62 7.14
C LEU A 18 -4.83 -31.47 6.57
N GLN A 19 -5.82 -32.00 7.29
CA GLN A 19 -7.17 -32.08 6.77
C GLN A 19 -8.16 -31.60 7.81
N LEU A 20 -9.19 -30.91 7.33
CA LEU A 20 -10.34 -30.52 8.12
C LEU A 20 -11.57 -31.00 7.38
N ARG A 21 -12.55 -31.52 8.10
CA ARG A 21 -13.79 -31.93 7.46
C ARG A 21 -13.52 -32.85 6.27
N GLY A 22 -12.43 -33.61 6.36
CA GLY A 22 -12.00 -34.45 5.26
C GLY A 22 -11.20 -33.76 4.19
N GLY A 23 -11.24 -32.43 4.10
CA GLY A 23 -10.57 -31.72 3.04
C GLY A 23 -9.16 -31.29 3.40
N HIS A 24 -8.20 -31.61 2.52
CA HIS A 24 -6.82 -31.15 2.66
C HIS A 24 -6.73 -29.63 2.61
N PHE A 25 -6.12 -29.01 3.62
CA PHE A 25 -6.00 -27.55 3.59
C PHE A 25 -4.56 -27.03 3.59
N CYS A 26 -3.61 -27.81 4.07
CA CYS A 26 -2.20 -27.42 4.14
C CYS A 26 -1.38 -28.69 4.18
N GLY A 27 -0.12 -28.55 3.79
CA GLY A 27 0.85 -29.61 3.99
C GLY A 27 1.60 -29.43 5.29
N ALA A 28 2.42 -30.43 5.57
CA ALA A 28 3.28 -30.45 6.74
C ALA A 28 4.36 -31.49 6.47
N THR A 29 5.28 -31.64 7.43
CA THR A 29 6.40 -32.56 7.38
C THR A 29 6.50 -33.32 8.70
N LEU A 30 6.66 -34.63 8.64
CA LEU A 30 6.92 -35.41 9.84
C LEU A 30 8.37 -35.21 10.31
N ILE A 31 8.57 -34.68 11.51
CA ILE A 31 9.93 -34.43 11.99
C ILE A 31 10.31 -35.27 13.19
N ALA A 32 9.36 -36.01 13.76
CA ALA A 32 9.57 -37.01 14.80
C ALA A 32 8.35 -37.91 14.78
N PRO A 33 8.39 -39.09 15.43
CA PRO A 33 7.21 -39.97 15.37
C PRO A 33 5.92 -39.28 15.82
N ASN A 34 5.98 -38.34 16.76
CA ASN A 34 4.79 -37.70 17.32
C ASN A 34 4.79 -36.19 17.14
N PHE A 35 5.51 -35.65 16.15
CA PHE A 35 5.52 -34.21 15.88
C PHE A 35 5.61 -33.97 14.38
N VAL A 36 4.79 -33.04 13.88
CA VAL A 36 4.96 -32.55 12.51
C VAL A 36 5.15 -31.04 12.52
N MET A 37 5.64 -30.54 11.39
CA MET A 37 6.02 -29.14 11.23
C MET A 37 5.22 -28.58 10.06
N SER A 38 4.64 -27.39 10.25
CA SER A 38 3.87 -26.75 9.19
C SER A 38 4.07 -25.24 9.28
N ALA A 39 3.34 -24.50 8.46
CA ALA A 39 3.35 -23.05 8.55
C ALA A 39 2.39 -22.59 9.64
N ALA A 40 2.84 -21.60 10.43
CA ALA A 40 1.96 -21.05 11.46
C ALA A 40 0.66 -20.52 10.88
N HIS A 41 0.70 -19.86 9.72
CA HIS A 41 -0.55 -19.30 9.22
C HIS A 41 -1.59 -20.37 8.85
N CYS A 42 -1.18 -21.62 8.66
CA CYS A 42 -2.12 -22.68 8.31
C CYS A 42 -3.11 -22.99 9.42
N VAL A 43 -2.70 -22.84 10.68
CA VAL A 43 -3.52 -23.25 11.81
C VAL A 43 -3.84 -22.12 12.77
N ALA A 44 -3.33 -20.92 12.52
CA ALA A 44 -3.62 -19.80 13.41
C ALA A 44 -5.11 -19.64 13.68
N ASN A 45 -5.94 -19.87 12.67
CA ASN A 45 -7.35 -19.55 12.80
C ASN A 45 -8.25 -20.78 12.87
N VAL A 46 -7.71 -21.98 12.78
CA VAL A 46 -8.54 -23.16 12.77
C VAL A 46 -8.68 -23.73 14.18
N ASN A 47 -9.72 -24.52 14.39
CA ASN A 47 -9.86 -25.28 15.62
C ASN A 47 -8.93 -26.48 15.52
N VAL A 48 -7.97 -26.57 16.43
CA VAL A 48 -6.97 -27.61 16.31
C VAL A 48 -7.58 -28.97 16.58
N ARG A 49 -8.68 -29.02 17.33
CA ARG A 49 -9.29 -30.30 17.61
C ARG A 49 -9.92 -30.92 16.36
N ALA A 50 -10.19 -30.11 15.34
CA ALA A 50 -10.74 -30.67 14.11
C ALA A 50 -9.66 -31.02 13.08
N VAL A 51 -8.39 -30.83 13.39
CA VAL A 51 -7.33 -31.10 12.41
C VAL A 51 -7.02 -32.60 12.44
N ARG A 52 -7.03 -33.23 11.27
CA ARG A 52 -6.48 -34.57 11.10
C ARG A 52 -5.15 -34.50 10.37
N VAL A 53 -4.17 -35.23 10.89
CA VAL A 53 -2.82 -35.30 10.35
C VAL A 53 -2.70 -36.64 9.65
N VAL A 54 -2.44 -36.61 8.35
CA VAL A 54 -2.51 -37.80 7.52
C VAL A 54 -1.09 -38.10 7.02
N LEU A 55 -0.52 -39.21 7.48
CA LEU A 55 0.82 -39.65 7.08
C LEU A 55 0.72 -40.80 6.09
N GLY A 56 1.77 -40.95 5.29
CA GLY A 56 1.81 -42.08 4.38
C GLY A 56 0.88 -42.02 3.18
N ALA A 57 0.39 -40.83 2.83
CA ALA A 57 -0.60 -40.66 1.76
C ALA A 57 0.07 -40.41 0.41
N HIS A 58 -0.67 -40.74 -0.66
CA HIS A 58 -0.31 -40.33 -2.02
C HIS A 58 -1.51 -39.75 -2.78
N ASN A 59 -2.56 -40.56 -2.97
CA ASN A 59 -3.78 -40.14 -3.65
C ASN A 59 -4.83 -39.89 -2.56
N LEU A 60 -5.07 -38.60 -2.25
CA LEU A 60 -5.88 -38.24 -1.09
C LEU A 60 -7.35 -38.64 -1.23
N SER A 61 -7.85 -38.77 -2.45
CA SER A 61 -9.26 -39.07 -2.61
C SER A 61 -9.58 -40.56 -2.53
N ARG A 62 -8.58 -41.43 -2.54
CA ARG A 62 -8.86 -42.86 -2.56
C ARG A 62 -8.50 -43.50 -1.24
N ARG A 63 -8.97 -44.73 -1.09
CA ARG A 63 -8.61 -45.55 0.06
C ARG A 63 -7.14 -45.95 -0.02
N GLU A 64 -6.39 -45.69 1.04
CA GLU A 64 -4.98 -46.06 1.07
C GLU A 64 -4.63 -46.69 2.41
N PRO A 65 -4.43 -48.01 2.46
CA PRO A 65 -4.10 -48.65 3.75
C PRO A 65 -2.71 -48.30 4.27
N THR A 66 -1.84 -47.68 3.46
CA THR A 66 -0.57 -47.18 3.96
C THR A 66 -0.75 -45.96 4.87
N ARG A 67 -1.91 -45.33 4.86
CA ARG A 67 -2.05 -44.10 5.63
C ARG A 67 -2.10 -44.37 7.13
N GLN A 68 -1.57 -43.43 7.90
CA GLN A 68 -1.70 -43.38 9.34
C GLN A 68 -2.23 -42.00 9.70
N VAL A 69 -3.29 -41.93 10.51
CA VAL A 69 -4.02 -40.69 10.79
C VAL A 69 -3.93 -40.37 12.27
N PHE A 70 -3.60 -39.12 12.59
CA PHE A 70 -3.46 -38.69 13.98
C PHE A 70 -4.25 -37.40 14.22
N ALA A 71 -4.58 -37.15 15.49
CA ALA A 71 -5.12 -35.86 15.91
C ALA A 71 -3.99 -35.01 16.49
N VAL A 72 -4.26 -33.72 16.69
CA VAL A 72 -3.29 -32.79 17.23
C VAL A 72 -3.53 -32.62 18.71
N GLN A 73 -2.49 -32.86 19.51
CA GLN A 73 -2.55 -32.71 20.95
C GLN A 73 -2.23 -31.29 21.40
N ARG A 74 -1.21 -30.68 20.83
CA ARG A 74 -0.93 -29.30 21.18
C ARG A 74 -0.03 -28.71 20.11
N ILE A 75 0.19 -27.41 20.24
CA ILE A 75 0.79 -26.61 19.20
C ILE A 75 1.92 -25.80 19.80
N PHE A 76 3.02 -25.71 19.08
CA PHE A 76 4.17 -24.94 19.53
C PHE A 76 4.50 -23.94 18.45
N GLU A 77 4.56 -22.66 18.83
CA GLU A 77 4.86 -21.55 17.94
C GLU A 77 6.14 -20.88 18.41
N ASN A 78 6.74 -20.11 17.51
CA ASN A 78 8.04 -19.48 17.72
C ASN A 78 8.00 -18.02 17.31
N GLY A 79 7.03 -17.29 17.85
CA GLY A 79 6.90 -15.86 17.58
C GLY A 79 6.39 -15.51 16.19
N TYR A 80 5.39 -16.24 15.70
CA TYR A 80 4.72 -15.91 14.46
C TYR A 80 4.25 -14.46 14.46
N ASP A 81 4.70 -13.70 13.45
CA ASP A 81 4.23 -12.35 13.18
C ASP A 81 3.37 -12.44 11.92
N PRO A 82 2.04 -12.42 12.05
CA PRO A 82 1.20 -12.56 10.85
C PRO A 82 1.26 -11.35 9.94
N VAL A 83 1.55 -10.17 10.48
CA VAL A 83 1.51 -8.96 9.66
C VAL A 83 2.69 -8.94 8.71
N ASN A 84 3.85 -9.40 9.18
CA ASN A 84 5.06 -9.41 8.38
C ASN A 84 5.45 -10.78 7.87
N LEU A 85 4.65 -11.81 8.17
CA LEU A 85 4.93 -13.20 7.81
C LEU A 85 6.36 -13.60 8.22
N LEU A 86 6.70 -13.29 9.47
CA LEU A 86 7.97 -13.67 10.05
C LEU A 86 7.79 -14.89 10.97
N ASN A 87 8.76 -15.79 10.96
CA ASN A 87 8.70 -17.00 11.80
C ASN A 87 7.41 -17.78 11.56
N ASP A 88 7.11 -17.99 10.28
CA ASP A 88 5.87 -18.66 9.88
C ASP A 88 6.06 -20.18 9.97
N ILE A 89 6.20 -20.66 11.20
CA ILE A 89 6.45 -22.06 11.47
C ILE A 89 5.68 -22.46 12.72
N VAL A 90 5.10 -23.67 12.69
CA VAL A 90 4.43 -24.23 13.85
C VAL A 90 4.79 -25.71 13.93
N ILE A 91 4.87 -26.23 15.15
CA ILE A 91 5.05 -27.66 15.39
C ILE A 91 3.76 -28.19 16.01
N LEU A 92 3.18 -29.24 15.42
CA LEU A 92 2.01 -29.90 15.97
C LEU A 92 2.45 -31.19 16.65
N GLN A 93 2.17 -31.31 17.94
CA GLN A 93 2.36 -32.57 18.64
C GLN A 93 1.14 -33.46 18.42
N LEU A 94 1.40 -34.71 18.03
CA LEU A 94 0.33 -35.64 17.69
C LEU A 94 -0.21 -36.35 18.95
N ASN A 95 -1.38 -36.95 18.82
CA ASN A 95 -1.97 -37.72 19.92
C ASN A 95 -1.47 -39.16 19.98
N GLY A 96 -0.30 -39.43 19.42
CA GLY A 96 0.25 -40.77 19.35
C GLY A 96 1.50 -40.72 18.51
N SER A 97 2.11 -41.88 18.33
CA SER A 97 3.36 -41.96 17.61
C SER A 97 3.17 -42.76 16.33
N ALA A 98 3.61 -42.20 15.21
CA ALA A 98 3.61 -42.92 13.94
C ALA A 98 4.42 -44.20 14.06
N THR A 99 4.10 -45.16 13.21
CA THR A 99 4.95 -46.32 12.99
C THR A 99 5.85 -46.04 11.80
N ILE A 100 7.16 -46.08 12.02
CA ILE A 100 8.13 -45.75 10.98
C ILE A 100 8.30 -46.95 10.06
N ASN A 101 8.19 -46.74 8.76
CA ASN A 101 8.25 -47.80 7.76
C ASN A 101 8.55 -47.16 6.41
N ALA A 102 8.51 -47.97 5.34
CA ALA A 102 8.90 -47.48 4.03
C ALA A 102 8.07 -46.26 3.60
N ASN A 103 6.81 -46.17 4.05
CA ASN A 103 5.92 -45.11 3.59
C ASN A 103 5.78 -43.94 4.54
N VAL A 104 6.35 -44.03 5.74
CA VAL A 104 6.18 -43.01 6.78
C VAL A 104 7.54 -42.85 7.45
N GLN A 105 8.23 -41.76 7.15
CA GLN A 105 9.60 -41.59 7.60
C GLN A 105 9.81 -40.20 8.14
N VAL A 106 10.72 -40.08 9.10
CA VAL A 106 11.03 -38.80 9.71
C VAL A 106 12.01 -38.05 8.81
N ALA A 107 11.74 -36.77 8.57
CA ALA A 107 12.59 -35.97 7.69
C ALA A 107 13.89 -35.55 8.36
N GLN A 108 14.90 -35.28 7.52
CA GLN A 108 16.19 -34.76 7.94
C GLN A 108 16.24 -33.24 7.76
N LEU A 109 16.64 -32.52 8.81
CA LEU A 109 16.67 -31.06 8.77
C LEU A 109 18.12 -30.55 8.77
N PRO A 110 18.38 -29.33 8.29
CA PRO A 110 19.77 -28.83 8.25
C PRO A 110 20.31 -28.49 9.62
N ALA A 111 21.60 -28.14 9.64
CA ALA A 111 22.20 -27.54 10.82
C ALA A 111 21.67 -26.13 11.04
N GLN A 112 21.63 -25.70 12.30
CA GLN A 112 21.22 -24.34 12.65
C GLN A 112 22.05 -23.29 11.91
N GLY A 113 21.35 -22.40 11.21
CA GLY A 113 21.98 -21.27 10.57
C GLY A 113 22.45 -21.52 9.15
N ARG A 114 22.37 -22.76 8.66
CA ARG A 114 22.81 -23.04 7.30
C ARG A 114 22.03 -22.20 6.31
N ARG A 115 22.74 -21.58 5.39
CA ARG A 115 22.14 -20.73 4.36
C ARG A 115 22.38 -21.38 3.00
N LEU A 116 21.42 -21.18 2.09
CA LEU A 116 21.53 -21.65 0.73
C LEU A 116 21.77 -20.46 -0.19
N GLY A 117 22.74 -20.60 -1.08
CA GLY A 117 23.07 -19.55 -2.02
C GLY A 117 22.25 -19.58 -3.31
N ASN A 118 22.30 -18.48 -4.02
CA ASN A 118 21.65 -18.34 -5.31
C ASN A 118 22.00 -19.51 -6.23
N GLY A 119 21.00 -20.20 -6.74
CA GLY A 119 21.26 -21.24 -7.72
C GLY A 119 21.17 -22.66 -7.21
N VAL A 120 21.04 -22.89 -5.90
CA VAL A 120 20.89 -24.24 -5.38
C VAL A 120 19.60 -24.87 -5.88
N GLN A 121 19.69 -26.11 -6.36
CA GLN A 121 18.55 -26.83 -6.91
C GLN A 121 17.79 -27.52 -5.79
N CYS A 122 16.47 -27.31 -5.76
CA CYS A 122 15.60 -27.86 -4.73
C CYS A 122 14.35 -28.46 -5.38
N LEU A 123 13.54 -29.10 -4.53
CA LEU A 123 12.30 -29.74 -4.96
C LEU A 123 11.18 -29.26 -4.04
N ALA A 124 10.18 -28.63 -4.62
CA ALA A 124 8.98 -28.28 -3.88
C ALA A 124 7.92 -29.36 -4.14
N MET A 125 6.91 -29.43 -3.27
CA MET A 125 5.94 -30.50 -3.43
C MET A 125 4.68 -30.15 -2.65
N GLY A 126 3.56 -30.77 -3.03
CA GLY A 126 2.34 -30.58 -2.27
C GLY A 126 1.11 -31.04 -3.04
N TRP A 127 -0.04 -30.94 -2.34
CA TRP A 127 -1.33 -31.31 -2.91
C TRP A 127 -2.17 -30.10 -3.29
N GLY A 128 -1.55 -28.94 -3.49
CA GLY A 128 -2.32 -27.74 -3.78
C GLY A 128 -2.83 -27.70 -5.21
N LEU A 129 -3.46 -26.57 -5.54
CA LEU A 129 -4.04 -26.35 -6.86
C LEU A 129 -3.00 -26.58 -7.97
N LEU A 130 -3.50 -27.09 -9.09
CA LEU A 130 -2.71 -27.42 -10.26
C LEU A 130 -2.62 -26.30 -11.28
N GLY A 131 -3.44 -25.26 -11.19
CA GLY A 131 -3.47 -24.28 -12.25
C GLY A 131 -4.53 -24.60 -13.29
N ARG A 132 -4.59 -23.77 -14.34
CA ARG A 132 -5.72 -23.71 -15.29
C ARG A 132 -6.96 -23.32 -14.47
N ASN A 133 -8.13 -23.94 -14.70
CA ASN A 133 -9.24 -23.79 -13.77
C ASN A 133 -8.83 -24.07 -12.33
N ARG A 134 -7.72 -24.79 -12.15
CA ARG A 134 -7.11 -25.09 -10.86
C ARG A 134 -7.90 -26.14 -10.10
N GLY A 135 -8.09 -27.31 -10.70
CA GLY A 135 -8.41 -28.48 -9.90
C GLY A 135 -7.34 -28.69 -8.86
N ILE A 136 -7.75 -29.08 -7.65
CA ILE A 136 -6.79 -29.43 -6.62
C ILE A 136 -6.25 -30.83 -6.96
N ALA A 137 -4.98 -31.05 -6.66
CA ALA A 137 -4.34 -32.29 -7.08
C ALA A 137 -4.96 -33.49 -6.39
N SER A 138 -5.13 -34.58 -7.14
CA SER A 138 -5.52 -35.84 -6.52
C SER A 138 -4.29 -36.54 -5.96
N VAL A 139 -3.20 -36.45 -6.66
CA VAL A 139 -1.98 -37.16 -6.34
C VAL A 139 -0.91 -36.13 -5.99
N LEU A 140 -0.01 -36.51 -5.09
CA LEU A 140 1.06 -35.61 -4.66
C LEU A 140 1.90 -35.16 -5.85
N GLN A 141 2.13 -33.85 -5.95
CA GLN A 141 2.90 -33.22 -7.02
C GLN A 141 4.26 -32.78 -6.50
N GLU A 142 5.25 -32.71 -7.39
CA GLU A 142 6.58 -32.16 -7.07
C GLU A 142 7.06 -31.29 -8.22
N LEU A 143 8.02 -30.42 -7.92
CA LEU A 143 8.46 -29.38 -8.84
C LEU A 143 9.90 -29.00 -8.55
N ASN A 144 10.73 -29.06 -9.59
CA ASN A 144 12.13 -28.63 -9.50
C ASN A 144 12.19 -27.12 -9.50
N VAL A 145 12.83 -26.54 -8.48
CA VAL A 145 12.93 -25.09 -8.33
C VAL A 145 14.36 -24.73 -7.98
N THR A 146 14.68 -23.45 -8.08
CA THR A 146 16.02 -22.95 -7.79
C THR A 146 15.95 -21.84 -6.75
N VAL A 147 16.86 -21.91 -5.77
CA VAL A 147 16.99 -20.83 -4.79
C VAL A 147 17.41 -19.56 -5.49
N VAL A 148 16.72 -18.46 -5.20
CA VAL A 148 17.14 -17.14 -5.67
C VAL A 148 17.31 -16.22 -4.47
N THR A 149 18.21 -15.25 -4.59
CA THR A 149 18.24 -14.18 -3.62
C THR A 149 17.67 -12.87 -4.15
N SER A 150 17.60 -12.71 -5.47
CA SER A 150 17.00 -11.53 -6.07
C SER A 150 15.48 -11.57 -5.89
N LEU A 151 14.92 -10.43 -5.50
CA LEU A 151 13.49 -10.32 -5.17
C LEU A 151 13.11 -11.15 -3.96
N CYS A 152 14.08 -11.48 -3.11
CA CYS A 152 13.74 -12.17 -1.87
C CYS A 152 13.96 -11.20 -0.72
N ARG A 153 13.90 -11.71 0.50
CA ARG A 153 14.35 -10.95 1.67
C ARG A 153 15.12 -11.92 2.57
N ARG A 154 15.89 -11.35 3.49
CA ARG A 154 16.78 -12.19 4.28
C ARG A 154 16.02 -13.13 5.20
N SER A 155 14.80 -12.81 5.62
CA SER A 155 14.11 -13.71 6.53
C SER A 155 13.30 -14.79 5.82
N ASN A 156 13.55 -15.02 4.53
CA ASN A 156 12.94 -16.14 3.84
C ASN A 156 13.98 -16.85 2.97
N VAL A 157 13.66 -18.08 2.60
CA VAL A 157 14.28 -18.79 1.49
C VAL A 157 13.33 -18.66 0.31
N CYS A 158 13.80 -18.15 -0.84
CA CYS A 158 12.91 -17.97 -1.99
C CYS A 158 13.34 -18.82 -3.17
N THR A 159 12.36 -19.25 -3.98
CA THR A 159 12.64 -20.17 -5.09
C THR A 159 11.87 -19.72 -6.33
N LEU A 160 12.38 -20.13 -7.48
CA LEU A 160 11.87 -19.71 -8.76
C LEU A 160 12.03 -20.87 -9.73
N VAL A 161 11.15 -20.94 -10.73
CA VAL A 161 11.35 -21.78 -11.90
C VAL A 161 11.55 -20.81 -13.06
N ARG A 162 12.77 -20.74 -13.58
CA ARG A 162 13.13 -19.66 -14.49
C ARG A 162 12.52 -19.86 -15.87
N GLY A 163 11.86 -18.82 -16.39
CA GLY A 163 11.28 -18.85 -17.72
C GLY A 163 9.98 -19.64 -17.85
N ARG A 164 9.38 -20.08 -16.74
CA ARG A 164 8.13 -20.82 -16.75
C ARG A 164 7.21 -20.25 -15.67
N GLN A 165 5.92 -20.32 -15.93
CA GLN A 165 4.91 -20.01 -14.91
C GLN A 165 4.65 -21.29 -14.13
N ALA A 166 5.39 -21.48 -13.05
CA ALA A 166 5.29 -22.65 -12.19
C ALA A 166 5.64 -22.24 -10.77
N GLY A 167 5.05 -22.92 -9.79
CA GLY A 167 5.30 -22.61 -8.39
C GLY A 167 4.24 -23.25 -7.50
N VAL A 168 4.28 -22.90 -6.21
CA VAL A 168 3.27 -23.43 -5.28
C VAL A 168 1.97 -22.66 -5.44
N CYS A 169 0.86 -23.27 -5.02
CA CYS A 169 -0.45 -22.63 -5.12
C CYS A 169 -1.31 -23.08 -3.94
N PHE A 170 -2.58 -22.68 -3.93
CA PHE A 170 -3.38 -22.77 -2.72
C PHE A 170 -3.58 -24.21 -2.30
N GLY A 171 -3.23 -24.49 -1.04
CA GLY A 171 -3.15 -25.85 -0.52
C GLY A 171 -1.72 -26.33 -0.32
N ASP A 172 -0.74 -25.62 -0.86
CA ASP A 172 0.68 -25.98 -0.70
C ASP A 172 1.33 -25.37 0.54
N SER A 173 0.73 -24.34 1.15
CA SER A 173 1.18 -23.80 2.45
C SER A 173 1.56 -24.91 3.41
N GLY A 174 2.67 -24.71 4.13
CA GLY A 174 3.12 -25.68 5.10
C GLY A 174 3.92 -26.81 4.51
N SER A 175 3.97 -26.94 3.18
CA SER A 175 4.66 -28.06 2.58
C SER A 175 6.18 -27.83 2.56
N PRO A 176 6.96 -28.91 2.62
CA PRO A 176 8.42 -28.79 2.70
C PRO A 176 9.05 -28.39 1.39
N LEU A 177 10.20 -27.73 1.50
CA LEU A 177 11.12 -27.53 0.39
C LEU A 177 12.35 -28.41 0.65
N VAL A 178 12.67 -29.31 -0.29
CA VAL A 178 13.75 -30.26 -0.08
C VAL A 178 14.96 -29.85 -0.92
N CYS A 179 16.10 -29.67 -0.26
CA CYS A 179 17.34 -29.29 -0.94
C CYS A 179 18.45 -30.19 -0.44
N ASN A 180 19.09 -30.91 -1.36
CA ASN A 180 20.16 -31.85 -1.02
C ASN A 180 19.73 -32.79 0.10
N GLY A 181 18.47 -33.25 0.03
CA GLY A 181 17.94 -34.22 0.99
C GLY A 181 17.55 -33.66 2.34
N LEU A 182 17.56 -32.35 2.53
CA LEU A 182 17.25 -31.72 3.80
C LEU A 182 16.04 -30.82 3.64
N ILE A 183 15.22 -30.72 4.68
CA ILE A 183 14.07 -29.81 4.67
C ILE A 183 14.61 -28.42 4.99
N HIS A 184 14.74 -27.57 3.97
CA HIS A 184 15.21 -26.21 4.16
C HIS A 184 14.10 -25.17 4.19
N GLY A 185 12.87 -25.52 3.81
CA GLY A 185 11.81 -24.52 3.70
C GLY A 185 10.46 -25.09 4.08
N ILE A 186 9.57 -24.18 4.48
CA ILE A 186 8.14 -24.44 4.69
C ILE A 186 7.39 -23.38 3.91
N ALA A 187 6.53 -23.80 2.99
CA ALA A 187 5.92 -22.86 2.07
C ALA A 187 5.05 -21.87 2.84
N SER A 188 5.26 -20.58 2.56
CA SER A 188 4.76 -19.49 3.40
C SER A 188 3.98 -18.47 2.59
N PHE A 189 4.53 -17.95 1.50
CA PHE A 189 3.70 -17.04 0.72
C PHE A 189 4.11 -16.95 -0.74
N VAL A 190 3.20 -16.43 -1.55
CA VAL A 190 3.48 -16.10 -2.95
C VAL A 190 3.21 -14.62 -3.15
N ARG A 191 3.68 -14.11 -4.28
CA ARG A 191 3.58 -12.69 -4.58
C ARG A 191 3.06 -12.54 -6.00
N GLY A 192 2.06 -11.67 -6.19
CA GLY A 192 1.49 -11.51 -7.51
C GLY A 192 0.75 -12.72 -8.04
N GLY A 193 0.09 -13.48 -7.17
CA GLY A 193 -0.61 -14.68 -7.59
C GLY A 193 0.32 -15.87 -7.72
N CYS A 194 -0.27 -17.06 -7.82
CA CYS A 194 0.50 -18.28 -8.02
C CYS A 194 1.16 -18.28 -9.40
N ALA A 195 2.35 -18.88 -9.46
CA ALA A 195 3.01 -19.18 -10.74
C ALA A 195 3.07 -17.96 -11.64
N SER A 196 3.49 -16.83 -11.07
CA SER A 196 3.58 -15.60 -11.83
C SER A 196 4.70 -15.63 -12.86
N GLY A 197 5.70 -16.49 -12.68
CA GLY A 197 6.87 -16.44 -13.55
C GLY A 197 7.75 -15.23 -13.36
N LEU A 198 7.45 -14.37 -12.39
CA LEU A 198 8.16 -13.14 -12.14
C LEU A 198 8.68 -13.04 -10.72
N TYR A 199 7.84 -13.36 -9.73
CA TYR A 199 8.27 -13.29 -8.34
C TYR A 199 8.50 -14.69 -7.77
N PRO A 200 9.49 -14.86 -6.91
CA PRO A 200 9.75 -16.18 -6.35
C PRO A 200 8.72 -16.53 -5.29
N ASP A 201 8.60 -17.83 -5.02
CA ASP A 201 7.84 -18.29 -3.88
C ASP A 201 8.69 -18.15 -2.62
N ALA A 202 8.05 -17.88 -1.49
CA ALA A 202 8.78 -17.67 -0.24
C ALA A 202 8.47 -18.78 0.75
N PHE A 203 9.53 -19.30 1.36
CA PHE A 203 9.47 -20.38 2.32
C PHE A 203 10.02 -19.90 3.65
N ALA A 204 9.41 -20.36 4.74
CA ALA A 204 9.97 -20.11 6.05
C ALA A 204 11.34 -20.78 6.13
N PRO A 205 12.38 -20.08 6.63
CA PRO A 205 13.73 -20.65 6.57
C PRO A 205 14.01 -21.62 7.71
N VAL A 206 13.72 -22.92 7.48
CA VAL A 206 13.78 -23.93 8.53
C VAL A 206 15.12 -23.88 9.28
N ALA A 207 16.23 -23.71 8.53
CA ALA A 207 17.54 -23.69 9.16
C ALA A 207 17.65 -22.67 10.29
N GLN A 208 16.96 -21.54 10.19
CA GLN A 208 17.07 -20.53 11.25
C GLN A 208 16.39 -20.96 12.55
N PHE A 209 15.56 -22.00 12.51
CA PHE A 209 14.73 -22.43 13.64
C PHE A 209 15.15 -23.78 14.24
N VAL A 210 16.30 -24.33 13.84
CA VAL A 210 16.62 -25.72 14.20
C VAL A 210 16.77 -25.87 15.71
N ASN A 211 17.42 -24.92 16.39
CA ASN A 211 17.59 -25.02 17.83
C ASN A 211 16.23 -24.98 18.56
N TRP A 212 15.33 -24.10 18.12
CA TRP A 212 13.99 -24.12 18.71
C TRP A 212 13.27 -25.43 18.41
N ILE A 213 13.34 -25.89 17.16
CA ILE A 213 12.68 -27.15 16.80
C ILE A 213 13.16 -28.26 17.71
N ASP A 214 14.48 -28.35 17.91
CA ASP A 214 15.06 -29.39 18.74
C ASP A 214 14.61 -29.29 20.19
N SER A 215 14.54 -28.07 20.74
CA SER A 215 14.00 -27.92 22.10
C SER A 215 12.58 -28.49 22.21
N ILE A 216 11.80 -28.50 21.12
CA ILE A 216 10.43 -29.02 21.19
C ILE A 216 10.43 -30.55 21.04
N ILE A 217 11.07 -31.08 19.99
CA ILE A 217 10.99 -32.51 19.70
C ILE A 217 12.13 -33.30 20.30
N GLN A 218 13.06 -32.64 20.99
CA GLN A 218 14.20 -33.26 21.64
C GLN A 218 15.08 -34.05 20.67
N THR B 3 -23.95 -24.46 -0.92
CA THR B 3 -23.77 -23.01 -1.09
C THR B 3 -24.19 -22.26 0.17
N ARG B 4 -23.33 -21.36 0.64
CA ARG B 4 -23.45 -20.77 1.97
C ARG B 4 -23.44 -19.25 1.88
N TYR B 5 -24.22 -18.60 2.74
CA TYR B 5 -24.38 -17.16 2.77
C TYR B 5 -23.65 -16.59 3.98
N VAL B 6 -22.77 -15.62 3.75
CA VAL B 6 -21.90 -15.08 4.78
C VAL B 6 -22.26 -13.61 4.97
N PRO B 7 -22.57 -13.16 6.19
CA PRO B 7 -22.90 -11.74 6.39
C PRO B 7 -21.68 -10.85 6.15
N TYR B 8 -21.89 -9.70 5.51
CA TYR B 8 -20.80 -8.73 5.36
C TYR B 8 -21.35 -7.33 5.63
N THR B 9 -20.43 -6.42 5.96
CA THR B 9 -20.71 -4.99 6.01
C THR B 9 -19.59 -4.26 5.29
N ILE B 10 -19.89 -3.08 4.73
CA ILE B 10 -18.91 -2.24 4.06
C ILE B 10 -18.88 -0.86 4.73
N ALA B 11 -17.68 -0.38 5.06
CA ALA B 11 -17.44 0.99 5.50
C ALA B 11 -16.48 1.67 4.53
N VAL B 12 -16.87 2.86 4.06
CA VAL B 12 -16.09 3.65 3.12
C VAL B 12 -15.95 5.03 3.75
N ASN B 13 -14.72 5.39 4.12
CA ASN B 13 -14.47 6.64 4.85
C ASN B 13 -15.35 6.75 6.08
N GLY B 14 -15.61 5.61 6.73
CA GLY B 14 -16.43 5.59 7.92
C GLY B 14 -17.90 5.38 7.69
N THR B 15 -18.42 5.64 6.49
CA THR B 15 -19.85 5.53 6.24
C THR B 15 -20.21 4.10 5.87
N SER B 16 -21.28 3.58 6.49
CA SER B 16 -21.80 2.24 6.21
C SER B 16 -23.31 2.28 6.08
N THR B 17 -23.83 1.70 5.01
CA THR B 17 -25.29 1.55 4.87
C THR B 17 -25.74 0.43 5.80
N PRO B 18 -26.68 0.68 6.72
CA PRO B 18 -27.07 -0.34 7.71
C PRO B 18 -28.09 -1.34 7.14
N ILE B 19 -27.62 -2.16 6.23
CA ILE B 19 -28.41 -3.17 5.52
C ILE B 19 -27.84 -4.55 5.88
N LEU B 20 -28.71 -5.56 5.95
CA LEU B 20 -28.25 -6.93 6.14
C LEU B 20 -27.97 -7.55 4.77
N SER B 21 -26.71 -7.77 4.47
CA SER B 21 -26.29 -8.29 3.17
C SER B 21 -25.38 -9.48 3.38
N LYS B 22 -25.36 -10.38 2.40
CA LYS B 22 -24.65 -11.65 2.50
C LYS B 22 -23.89 -11.93 1.21
N LEU B 23 -22.65 -12.41 1.38
CA LEU B 23 -21.88 -13.01 0.30
C LEU B 23 -22.33 -14.44 0.06
N LYS B 24 -22.47 -14.79 -1.20
CA LYS B 24 -22.84 -16.15 -1.57
C LYS B 24 -21.54 -16.88 -1.90
N ILE B 25 -21.19 -17.88 -1.09
CA ILE B 25 -19.91 -18.59 -1.20
C ILE B 25 -20.18 -20.02 -1.61
N SER B 26 -19.20 -20.59 -2.33
CA SER B 26 -19.37 -21.86 -3.01
C SER B 26 -19.89 -22.97 -2.10
N ASN B 27 -19.21 -23.20 -0.97
CA ASN B 27 -19.47 -24.26 0.00
C ASN B 27 -19.03 -25.62 -0.52
N LYS B 28 -18.69 -25.75 -1.81
CA LYS B 28 -18.49 -27.05 -2.44
C LYS B 28 -17.08 -27.59 -2.20
N GLN B 29 -16.10 -26.72 -2.06
CA GLN B 29 -14.74 -27.12 -1.72
C GLN B 29 -14.17 -26.07 -0.78
N LEU B 30 -12.95 -26.32 -0.31
CA LEU B 30 -12.29 -25.32 0.52
C LEU B 30 -11.92 -24.10 -0.33
N ILE B 31 -11.92 -22.92 0.30
CA ILE B 31 -11.62 -21.68 -0.41
C ILE B 31 -10.31 -21.06 0.11
N SER B 32 -9.89 -20.00 -0.57
CA SER B 32 -8.65 -19.27 -0.32
C SER B 32 -8.96 -17.79 -0.15
N TYR B 33 -7.95 -17.05 0.30
CA TYR B 33 -8.10 -15.60 0.44
C TYR B 33 -8.10 -14.90 -0.91
N LYS B 34 -7.45 -15.48 -1.90
CA LYS B 34 -7.52 -14.88 -3.24
C LYS B 34 -8.95 -14.94 -3.78
N TYR B 35 -9.64 -16.06 -3.54
CA TYR B 35 -11.04 -16.16 -3.94
C TYR B 35 -11.89 -15.14 -3.18
N LEU B 36 -11.66 -15.02 -1.88
CA LEU B 36 -12.42 -14.06 -1.08
C LEU B 36 -12.15 -12.62 -1.52
N ASN B 37 -10.90 -12.29 -1.85
CA ASN B 37 -10.59 -10.96 -2.40
C ASN B 37 -11.54 -10.64 -3.56
N ASP B 38 -11.75 -11.59 -4.47
CA ASP B 38 -12.63 -11.34 -5.59
C ASP B 38 -14.06 -11.07 -5.15
N LYS B 39 -14.56 -11.85 -4.18
CA LYS B 39 -15.92 -11.66 -3.68
C LYS B 39 -16.05 -10.31 -2.97
N VAL B 40 -15.05 -9.95 -2.18
CA VAL B 40 -15.07 -8.70 -1.44
C VAL B 40 -15.01 -7.52 -2.39
N LYS B 41 -14.10 -7.57 -3.37
CA LYS B 41 -14.01 -6.49 -4.35
C LYS B 41 -15.29 -6.35 -5.16
N SER B 42 -16.01 -7.46 -5.41
CA SER B 42 -17.19 -7.38 -6.25
C SER B 42 -18.30 -6.58 -5.57
N VAL B 43 -18.51 -6.80 -4.28
CA VAL B 43 -19.54 -6.01 -3.60
C VAL B 43 -19.05 -4.58 -3.32
N LEU B 44 -17.74 -4.35 -3.14
CA LEU B 44 -17.26 -2.97 -3.07
C LEU B 44 -17.66 -2.20 -4.33
N LYS B 45 -17.51 -2.83 -5.50
CA LYS B 45 -17.91 -2.17 -6.75
C LYS B 45 -19.43 -2.02 -6.83
N SER B 46 -20.16 -3.12 -6.61
CA SER B 46 -21.60 -3.08 -6.83
C SER B 46 -22.33 -2.29 -5.77
N GLU B 47 -21.86 -2.30 -4.53
CA GLU B 47 -22.64 -1.67 -3.46
C GLU B 47 -22.24 -0.21 -3.23
N ARG B 48 -20.95 0.12 -3.29
CA ARG B 48 -20.53 1.50 -3.05
C ARG B 48 -19.79 2.13 -4.22
N GLY B 49 -19.79 1.49 -5.39
CA GLY B 49 -19.14 2.09 -6.55
C GLY B 49 -17.63 2.21 -6.47
N ILE B 50 -16.97 1.36 -5.67
CA ILE B 50 -15.52 1.43 -5.48
C ILE B 50 -14.87 0.39 -6.41
N SER B 51 -14.20 0.86 -7.45
CA SER B 51 -13.65 -0.06 -8.43
C SER B 51 -12.26 -0.53 -8.03
N ASP B 52 -11.77 -1.49 -8.79
CA ASP B 52 -10.41 -1.97 -8.58
C ASP B 52 -9.39 -0.83 -8.66
N LEU B 53 -9.55 0.07 -9.64
CA LEU B 53 -8.61 1.19 -9.74
C LEU B 53 -8.78 2.17 -8.58
N ASP B 54 -10.02 2.39 -8.12
CA ASP B 54 -10.25 3.21 -6.93
C ASP B 54 -9.41 2.73 -5.75
N LEU B 55 -9.32 1.40 -5.55
CA LEU B 55 -8.57 0.87 -4.42
C LEU B 55 -7.06 1.14 -4.54
N LYS B 56 -6.54 1.34 -5.75
CA LYS B 56 -5.12 1.69 -5.86
C LYS B 56 -4.85 3.09 -5.30
N PHE B 57 -5.85 3.97 -5.29
CA PHE B 57 -5.71 5.31 -4.74
C PHE B 57 -6.14 5.42 -3.28
N ALA B 58 -6.88 4.45 -2.75
CA ALA B 58 -7.29 4.50 -1.36
C ALA B 58 -6.08 4.32 -0.45
N LYS B 59 -6.02 5.08 0.65
CA LYS B 59 -4.84 4.96 1.50
C LYS B 59 -4.83 3.62 2.21
N GLN B 60 -5.99 3.09 2.53
CA GLN B 60 -6.10 1.80 3.18
C GLN B 60 -7.37 1.10 2.69
N ALA B 61 -7.26 -0.19 2.42
CA ALA B 61 -8.39 -1.00 1.98
C ALA B 61 -8.15 -2.40 2.52
N LYS B 62 -9.09 -2.92 3.32
CA LYS B 62 -8.91 -4.22 3.94
C LYS B 62 -10.26 -4.84 4.24
N TYR B 63 -10.23 -6.12 4.58
CA TYR B 63 -11.39 -6.74 5.22
C TYR B 63 -10.88 -7.68 6.29
N THR B 64 -11.75 -7.90 7.28
CA THR B 64 -11.48 -8.80 8.40
C THR B 64 -12.46 -9.95 8.36
N VAL B 65 -11.94 -11.17 8.32
CA VAL B 65 -12.75 -12.37 8.35
C VAL B 65 -12.87 -12.83 9.79
N TYR B 66 -14.10 -12.84 10.31
CA TYR B 66 -14.36 -13.29 11.67
C TYR B 66 -14.71 -14.78 11.65
N PHE B 67 -13.97 -15.57 12.40
CA PHE B 67 -14.32 -16.98 12.38
C PHE B 67 -15.23 -17.32 13.56
N LYS B 68 -15.97 -18.42 13.41
CA LYS B 68 -16.91 -18.79 14.46
C LYS B 68 -16.20 -19.18 15.75
N ASN B 69 -14.92 -19.52 15.71
CA ASN B 69 -14.27 -19.82 16.97
C ASN B 69 -13.74 -18.57 17.66
N GLY B 70 -14.04 -17.39 17.14
CA GLY B 70 -13.58 -16.14 17.72
C GLY B 70 -12.28 -15.61 17.14
N LYS B 71 -11.55 -16.39 16.35
CA LYS B 71 -10.35 -15.91 15.72
C LYS B 71 -10.69 -14.97 14.58
N LYS B 72 -9.68 -14.28 14.06
CA LYS B 72 -9.94 -13.44 12.90
C LYS B 72 -8.67 -13.22 12.11
N GLN B 73 -8.88 -12.78 10.88
CA GLN B 73 -7.80 -12.62 9.91
C GLN B 73 -8.05 -11.31 9.19
N VAL B 74 -7.10 -10.42 9.26
CA VAL B 74 -7.16 -9.20 8.47
C VAL B 74 -6.49 -9.48 7.14
N VAL B 75 -7.11 -9.04 6.07
CA VAL B 75 -6.56 -9.16 4.74
C VAL B 75 -6.41 -7.76 4.19
N ASN B 76 -5.20 -7.44 3.69
CA ASN B 76 -4.92 -6.16 3.06
C ASN B 76 -5.29 -6.26 1.58
N LEU B 77 -6.35 -5.55 1.16
CA LEU B 77 -6.78 -5.56 -0.25
C LEU B 77 -5.80 -4.83 -1.18
N LYS B 78 -4.83 -4.08 -0.66
CA LYS B 78 -3.83 -3.46 -1.52
C LYS B 78 -2.55 -4.28 -1.65
N SER B 79 -2.53 -5.51 -1.16
CA SER B 79 -1.34 -6.35 -1.26
C SER B 79 -1.59 -7.51 -2.21
N ASP B 80 -0.55 -7.92 -2.93
CA ASP B 80 -0.63 -9.11 -3.76
C ASP B 80 0.22 -10.23 -3.20
N ILE B 81 0.48 -10.19 -1.90
CA ILE B 81 1.10 -11.29 -1.21
C ILE B 81 0.01 -12.15 -0.57
N PHE B 82 0.04 -13.44 -0.86
CA PHE B 82 -0.98 -14.37 -0.39
C PHE B 82 -0.32 -15.56 0.28
N THR B 83 -0.89 -15.99 1.38
CA THR B 83 -0.52 -17.29 1.94
C THR B 83 -1.27 -18.38 1.17
N PRO B 84 -0.57 -19.40 0.64
CA PRO B 84 -1.23 -20.41 -0.21
C PRO B 84 -1.94 -21.53 0.56
N ASN B 85 -2.82 -21.14 1.50
CA ASN B 85 -3.57 -22.09 2.32
C ASN B 85 -5.04 -22.08 1.94
N LEU B 86 -5.76 -23.12 2.36
CA LEU B 86 -7.21 -23.21 2.19
C LEU B 86 -7.88 -23.27 3.56
N PHE B 87 -9.18 -22.93 3.58
CA PHE B 87 -9.98 -22.97 4.79
C PHE B 87 -11.46 -23.11 4.39
N SER B 88 -12.27 -23.50 5.35
CA SER B 88 -13.70 -23.79 5.12
C SER B 88 -14.54 -22.53 5.23
N ALA B 89 -15.34 -22.27 4.19
CA ALA B 89 -16.30 -21.18 4.27
C ALA B 89 -17.28 -21.35 5.43
N LYS B 90 -17.57 -22.59 5.83
CA LYS B 90 -18.53 -22.84 6.91
C LYS B 90 -18.06 -22.28 8.24
N ASP B 91 -16.77 -22.01 8.39
CA ASP B 91 -16.24 -21.50 9.65
C ASP B 91 -16.27 -19.98 9.73
N ILE B 92 -16.72 -19.29 8.69
CA ILE B 92 -16.76 -17.83 8.72
C ILE B 92 -18.02 -17.37 9.42
N LYS B 93 -17.87 -16.45 10.37
CA LYS B 93 -19.02 -15.86 11.04
C LYS B 93 -19.51 -14.61 10.31
N LYS B 94 -18.61 -13.71 9.94
CA LYS B 94 -18.96 -12.51 9.18
C LYS B 94 -17.68 -11.90 8.63
N ILE B 95 -17.83 -10.90 7.77
CA ILE B 95 -16.72 -10.19 7.12
C ILE B 95 -17.00 -8.68 7.18
N ASP B 96 -16.08 -7.93 7.75
CA ASP B 96 -16.17 -6.48 7.80
C ASP B 96 -15.18 -5.89 6.79
N ILE B 97 -15.70 -5.13 5.82
CA ILE B 97 -14.90 -4.53 4.75
C ILE B 97 -14.72 -3.04 5.07
N ASP B 98 -13.49 -2.51 4.92
CA ASP B 98 -13.20 -1.14 5.34
C ASP B 98 -12.25 -0.46 4.35
N VAL B 99 -12.71 0.63 3.75
CA VAL B 99 -11.91 1.38 2.80
C VAL B 99 -11.85 2.81 3.27
N LYS B 100 -10.63 3.31 3.43
CA LYS B 100 -10.36 4.70 3.79
C LYS B 100 -9.28 5.26 2.87
N ILE C 1 -32.09 -1.49 15.40
CA ILE C 1 -32.17 -0.48 16.47
C ILE C 1 -31.41 -0.93 17.69
N VAL C 2 -30.35 -0.20 18.03
CA VAL C 2 -29.60 -0.40 19.25
C VAL C 2 -30.09 0.60 20.29
N GLY C 3 -30.41 0.12 21.48
CA GLY C 3 -30.73 1.01 22.57
C GLY C 3 -32.16 1.52 22.61
N GLY C 4 -33.06 0.89 21.87
CA GLY C 4 -34.47 1.28 21.80
C GLY C 4 -35.37 0.38 22.60
N ARG C 5 -36.64 0.29 22.16
CA ARG C 5 -37.66 -0.48 22.87
C ARG C 5 -38.61 -1.13 21.87
N ARG C 6 -39.30 -2.16 22.35
CA ARG C 6 -40.38 -2.76 21.58
C ARG C 6 -41.44 -1.71 21.25
N ALA C 7 -41.82 -1.65 19.97
CA ALA C 7 -43.00 -0.90 19.59
C ALA C 7 -44.24 -1.67 20.01
N ARG C 8 -45.31 -0.93 20.30
CA ARG C 8 -46.58 -1.60 20.53
C ARG C 8 -47.02 -2.29 19.25
N PRO C 9 -47.66 -3.47 19.35
CA PRO C 9 -48.14 -4.17 18.15
C PRO C 9 -48.86 -3.26 17.16
N HIS C 10 -48.39 -3.22 15.91
CA HIS C 10 -49.01 -2.45 14.83
C HIS C 10 -49.13 -0.96 15.15
N ALA C 11 -48.30 -0.45 16.08
CA ALA C 11 -48.35 0.97 16.41
C ALA C 11 -48.03 1.87 15.21
N TRP C 12 -47.30 1.35 14.20
CA TRP C 12 -46.93 2.10 12.99
C TRP C 12 -47.36 1.27 11.78
N PRO C 13 -48.65 1.30 11.44
CA PRO C 13 -49.17 0.37 10.41
C PRO C 13 -48.60 0.60 9.02
N PHE C 14 -47.81 1.65 8.80
CA PHE C 14 -47.14 1.88 7.53
C PHE C 14 -45.78 1.20 7.45
N MET C 15 -45.36 0.52 8.52
CA MET C 15 -44.00 0.00 8.58
C MET C 15 -43.92 -1.26 7.73
N VAL C 16 -42.87 -1.38 6.92
CA VAL C 16 -42.77 -2.41 5.90
C VAL C 16 -41.48 -3.16 6.09
N SER C 17 -41.52 -4.49 5.95
CA SER C 17 -40.31 -5.29 5.99
C SER C 17 -40.01 -5.83 4.60
N LEU C 18 -38.82 -5.52 4.08
CA LEU C 18 -38.39 -6.10 2.81
C LEU C 18 -37.64 -7.39 3.09
N GLN C 19 -37.89 -8.42 2.27
CA GLN C 19 -37.40 -9.75 2.61
C GLN C 19 -36.86 -10.48 1.39
N LEU C 20 -35.81 -11.26 1.64
CA LEU C 20 -35.12 -12.07 0.65
C LEU C 20 -34.86 -13.42 1.31
N ARG C 21 -35.10 -14.49 0.56
CA ARG C 21 -34.94 -15.84 1.09
C ARG C 21 -35.67 -16.02 2.42
N GLY C 22 -36.79 -15.33 2.58
CA GLY C 22 -37.54 -15.37 3.83
C GLY C 22 -36.91 -14.63 4.98
N GLY C 23 -35.83 -13.89 4.77
CA GLY C 23 -35.16 -13.15 5.83
C GLY C 23 -35.28 -11.66 5.61
N HIS C 24 -35.59 -10.94 6.68
CA HIS C 24 -35.62 -9.48 6.64
C HIS C 24 -34.23 -8.92 6.37
N PHE C 25 -34.14 -7.87 5.55
CA PHE C 25 -32.85 -7.20 5.31
C PHE C 25 -32.93 -5.68 5.17
N CYS C 26 -34.07 -5.10 4.81
CA CYS C 26 -34.30 -3.66 4.78
C CYS C 26 -35.72 -3.38 5.24
N GLY C 27 -35.93 -2.16 5.72
CA GLY C 27 -37.27 -1.66 5.94
C GLY C 27 -37.74 -0.80 4.77
N ALA C 28 -39.01 -0.39 4.86
CA ALA C 28 -39.62 0.50 3.88
C ALA C 28 -40.88 1.12 4.49
N THR C 29 -41.53 1.99 3.72
CA THR C 29 -42.72 2.68 4.18
C THR C 29 -43.81 2.60 3.12
N LEU C 30 -45.05 2.40 3.55
CA LEU C 30 -46.17 2.36 2.62
C LEU C 30 -46.65 3.80 2.39
N ILE C 31 -46.56 4.27 1.14
CA ILE C 31 -46.92 5.64 0.80
C ILE C 31 -48.12 5.73 -0.13
N ALA C 32 -48.63 4.59 -0.58
CA ALA C 32 -49.86 4.45 -1.34
C ALA C 32 -50.23 2.97 -1.34
N PRO C 33 -51.50 2.63 -1.58
CA PRO C 33 -51.86 1.20 -1.59
C PRO C 33 -50.95 0.32 -2.43
N ASN C 34 -50.40 0.83 -3.54
CA ASN C 34 -49.57 0.02 -4.42
C ASN C 34 -48.15 0.58 -4.57
N PHE C 35 -47.66 1.30 -3.56
CA PHE C 35 -46.30 1.80 -3.61
C PHE C 35 -45.69 1.79 -2.20
N VAL C 36 -44.44 1.36 -2.11
CA VAL C 36 -43.65 1.54 -0.90
C VAL C 36 -42.39 2.31 -1.26
N MET C 37 -41.84 2.97 -0.24
CA MET C 37 -40.70 3.86 -0.36
C MET C 37 -39.58 3.31 0.52
N SER C 38 -38.37 3.19 -0.03
CA SER C 38 -37.25 2.63 0.72
C SER C 38 -35.96 3.37 0.32
N ALA C 39 -34.81 2.88 0.82
CA ALA C 39 -33.52 3.42 0.41
C ALA C 39 -33.09 2.79 -0.89
N ALA C 40 -32.53 3.60 -1.79
CA ALA C 40 -32.11 3.06 -3.08
C ALA C 40 -31.04 1.98 -2.93
N HIS C 41 -30.14 2.10 -1.94
CA HIS C 41 -29.13 1.06 -1.77
C HIS C 41 -29.74 -0.29 -1.38
N CYS C 42 -31.00 -0.34 -0.96
CA CYS C 42 -31.59 -1.62 -0.56
C CYS C 42 -31.89 -2.54 -1.74
N VAL C 43 -32.21 -1.98 -2.91
CA VAL C 43 -32.63 -2.74 -4.08
C VAL C 43 -31.69 -2.55 -5.25
N ALA C 44 -30.57 -1.87 -5.02
CA ALA C 44 -29.66 -1.52 -6.10
C ALA C 44 -29.17 -2.77 -6.82
N ASN C 45 -28.78 -3.80 -6.07
CA ASN C 45 -28.20 -5.00 -6.64
C ASN C 45 -28.83 -6.23 -6.00
N VAL C 46 -30.15 -6.36 -6.17
CA VAL C 46 -30.87 -7.55 -5.74
C VAL C 46 -31.70 -8.00 -6.92
N ASN C 47 -32.04 -9.28 -6.91
CA ASN C 47 -33.05 -9.76 -7.83
C ASN C 47 -34.38 -9.17 -7.41
N VAL C 48 -34.80 -8.11 -8.11
CA VAL C 48 -36.03 -7.40 -7.77
C VAL C 48 -37.22 -8.35 -7.74
N ARG C 49 -37.24 -9.36 -8.62
CA ARG C 49 -38.35 -10.29 -8.62
C ARG C 49 -38.29 -11.29 -7.46
N ALA C 50 -37.15 -11.40 -6.78
CA ALA C 50 -37.04 -12.29 -5.64
C ALA C 50 -37.41 -11.61 -4.34
N VAL C 51 -37.60 -10.31 -4.34
CA VAL C 51 -37.92 -9.57 -3.12
C VAL C 51 -39.39 -9.76 -2.80
N ARG C 52 -39.70 -9.86 -1.50
CA ARG C 52 -41.06 -9.89 -1.02
C ARG C 52 -41.27 -8.71 -0.09
N VAL C 53 -42.40 -8.01 -0.27
CA VAL C 53 -42.75 -6.82 0.48
C VAL C 53 -43.82 -7.19 1.49
N VAL C 54 -43.50 -7.06 2.78
CA VAL C 54 -44.33 -7.60 3.85
C VAL C 54 -44.93 -6.42 4.63
N LEU C 55 -46.24 -6.26 4.51
CA LEU C 55 -46.98 -5.24 5.25
C LEU C 55 -47.65 -5.86 6.47
N GLY C 56 -47.91 -5.02 7.47
CA GLY C 56 -48.71 -5.41 8.62
C GLY C 56 -48.03 -6.34 9.61
N ALA C 57 -46.71 -6.40 9.60
CA ALA C 57 -45.95 -7.29 10.47
C ALA C 57 -45.66 -6.64 11.82
N HIS C 58 -45.35 -7.47 12.82
CA HIS C 58 -44.85 -6.96 14.08
C HIS C 58 -43.73 -7.85 14.60
N ASN C 59 -43.99 -9.15 14.73
CA ASN C 59 -42.97 -10.11 15.15
C ASN C 59 -42.59 -10.95 13.93
N LEU C 60 -41.42 -10.65 13.34
CA LEU C 60 -40.96 -11.38 12.17
C LEU C 60 -40.69 -12.86 12.47
N SER C 61 -40.61 -13.23 13.74
CA SER C 61 -40.28 -14.59 14.17
C SER C 61 -41.50 -15.49 14.30
N ARG C 62 -42.70 -14.98 14.02
CA ARG C 62 -43.90 -15.77 14.16
C ARG C 62 -44.65 -15.83 12.83
N ARG C 63 -45.80 -16.47 12.88
CA ARG C 63 -46.79 -16.40 11.81
C ARG C 63 -47.86 -15.41 12.24
N GLU C 64 -48.14 -14.45 11.38
CA GLU C 64 -49.08 -13.37 11.67
C GLU C 64 -50.09 -13.28 10.54
N PRO C 65 -51.33 -13.72 10.75
CA PRO C 65 -52.34 -13.61 9.69
C PRO C 65 -52.62 -12.16 9.30
N THR C 66 -52.14 -11.20 10.07
CA THR C 66 -52.31 -9.80 9.72
C THR C 66 -51.44 -9.36 8.54
N ARG C 67 -50.47 -10.18 8.13
CA ARG C 67 -49.55 -9.76 7.07
C ARG C 67 -50.23 -9.81 5.72
N GLN C 68 -49.84 -8.87 4.85
CA GLN C 68 -50.14 -8.91 3.43
C GLN C 68 -48.81 -8.85 2.70
N VAL C 69 -48.57 -9.82 1.81
CA VAL C 69 -47.26 -9.98 1.17
C VAL C 69 -47.41 -9.68 -0.32
N PHE C 70 -46.52 -8.84 -0.84
CA PHE C 70 -46.54 -8.45 -2.25
C PHE C 70 -45.17 -8.63 -2.89
N ALA C 71 -45.15 -8.69 -4.21
CA ALA C 71 -43.91 -8.64 -4.98
C ALA C 71 -43.70 -7.22 -5.51
N VAL C 72 -42.54 -6.99 -6.11
CA VAL C 72 -42.22 -5.70 -6.72
C VAL C 72 -42.33 -5.82 -8.24
N GLN C 73 -42.98 -4.85 -8.86
CA GLN C 73 -43.25 -4.86 -10.29
C GLN C 73 -42.53 -3.80 -11.09
N ARG C 74 -42.08 -2.71 -10.45
CA ARG C 74 -41.37 -1.65 -11.17
C ARG C 74 -40.65 -0.78 -10.14
N ILE C 75 -39.46 -0.31 -10.53
CA ILE C 75 -38.60 0.52 -9.70
C ILE C 75 -38.58 1.94 -10.24
N PHE C 76 -38.53 2.92 -9.34
CA PHE C 76 -38.37 4.33 -9.69
C PHE C 76 -37.26 4.90 -8.81
N GLU C 77 -36.21 5.43 -9.44
CA GLU C 77 -35.14 6.11 -8.71
C GLU C 77 -35.03 7.56 -9.17
N ASN C 78 -34.21 8.34 -8.48
CA ASN C 78 -34.14 9.78 -8.68
C ASN C 78 -32.70 10.28 -8.52
N GLY C 79 -31.79 9.70 -9.31
CA GLY C 79 -30.42 10.16 -9.32
C GLY C 79 -29.53 9.60 -8.23
N TYR C 80 -29.82 8.38 -7.77
CA TYR C 80 -29.03 7.76 -6.70
C TYR C 80 -27.54 7.69 -7.03
N ASP C 81 -26.72 8.09 -6.07
CA ASP C 81 -25.26 8.05 -6.20
C ASP C 81 -24.71 7.14 -5.11
N PRO C 82 -24.23 5.92 -5.43
CA PRO C 82 -23.80 5.00 -4.37
C PRO C 82 -22.44 5.31 -3.78
N VAL C 83 -21.62 6.12 -4.44
CA VAL C 83 -20.31 6.45 -3.89
C VAL C 83 -20.50 7.35 -2.67
N ASN C 84 -21.19 8.46 -2.86
CA ASN C 84 -21.42 9.43 -1.80
C ASN C 84 -22.76 9.28 -1.11
N LEU C 85 -23.58 8.30 -1.51
CA LEU C 85 -24.89 8.05 -0.92
C LEU C 85 -25.76 9.32 -0.95
N LEU C 86 -25.96 9.82 -2.17
CA LEU C 86 -26.84 10.95 -2.44
C LEU C 86 -28.10 10.45 -3.13
N ASN C 87 -29.21 11.12 -2.86
CA ASN C 87 -30.53 10.72 -3.37
C ASN C 87 -30.76 9.23 -3.11
N ASP C 88 -30.59 8.82 -1.86
CA ASP C 88 -30.70 7.42 -1.46
C ASP C 88 -32.15 7.05 -1.21
N ILE C 89 -32.94 7.11 -2.27
CA ILE C 89 -34.38 6.87 -2.19
C ILE C 89 -34.83 6.12 -3.43
N VAL C 90 -35.73 5.17 -3.24
CA VAL C 90 -36.37 4.44 -4.34
C VAL C 90 -37.86 4.31 -4.02
N ILE C 91 -38.67 4.19 -5.07
CA ILE C 91 -40.09 3.86 -4.95
C ILE C 91 -40.31 2.50 -5.59
N LEU C 92 -41.01 1.62 -4.87
CA LEU C 92 -41.33 0.27 -5.33
C LEU C 92 -42.79 0.22 -5.74
N GLN C 93 -43.05 -0.15 -6.99
CA GLN C 93 -44.40 -0.44 -7.46
C GLN C 93 -44.71 -1.90 -7.15
N LEU C 94 -45.81 -2.13 -6.44
CA LEU C 94 -46.18 -3.48 -6.03
C LEU C 94 -47.01 -4.17 -7.12
N ASN C 95 -47.12 -5.49 -7.00
CA ASN C 95 -47.88 -6.30 -7.95
C ASN C 95 -49.37 -6.29 -7.61
N GLY C 96 -49.82 -5.24 -6.95
CA GLY C 96 -51.18 -5.17 -6.46
C GLY C 96 -51.30 -4.05 -5.44
N SER C 97 -52.46 -4.00 -4.81
CA SER C 97 -52.79 -2.94 -3.86
C SER C 97 -53.17 -3.56 -2.53
N ALA C 98 -52.62 -3.00 -1.45
CA ALA C 98 -52.92 -3.53 -0.13
C ALA C 98 -54.35 -3.18 0.28
N THR C 99 -54.83 -3.87 1.32
CA THR C 99 -56.11 -3.55 1.94
C THR C 99 -55.84 -2.67 3.15
N ILE C 100 -56.45 -1.50 3.19
CA ILE C 100 -56.23 -0.57 4.30
C ILE C 100 -57.15 -1.00 5.45
N ASN C 101 -56.54 -1.52 6.51
CA ASN C 101 -57.28 -1.95 7.70
C ASN C 101 -56.48 -1.44 8.91
N ALA C 102 -56.73 -2.03 10.07
CA ALA C 102 -56.14 -1.52 11.29
C ALA C 102 -54.62 -1.60 11.25
N ASN C 103 -54.09 -2.66 10.65
CA ASN C 103 -52.67 -2.96 10.70
C ASN C 103 -51.93 -2.61 9.42
N VAL C 104 -52.62 -2.06 8.41
CA VAL C 104 -51.97 -1.62 7.18
C VAL C 104 -52.56 -0.28 6.78
N GLN C 105 -51.73 0.77 6.75
CA GLN C 105 -52.19 2.10 6.36
C GLN C 105 -51.09 2.86 5.64
N VAL C 106 -51.50 3.89 4.92
CA VAL C 106 -50.59 4.75 4.18
C VAL C 106 -50.07 5.82 5.11
N ALA C 107 -48.76 6.09 5.04
CA ALA C 107 -48.16 7.13 5.85
C ALA C 107 -48.45 8.51 5.29
N GLN C 108 -48.25 9.52 6.14
CA GLN C 108 -48.32 10.90 5.74
C GLN C 108 -46.91 11.43 5.53
N LEU C 109 -46.76 12.29 4.53
CA LEU C 109 -45.47 12.82 4.09
C LEU C 109 -45.46 14.34 4.20
N PRO C 110 -44.30 14.96 4.27
CA PRO C 110 -44.25 16.41 4.42
C PRO C 110 -44.34 17.15 3.09
N ALA C 111 -44.40 18.47 3.19
CA ALA C 111 -44.41 19.31 2.00
C ALA C 111 -43.02 19.41 1.40
N GLN C 112 -42.97 19.60 0.08
CA GLN C 112 -41.71 19.68 -0.65
C GLN C 112 -40.85 20.83 -0.11
N GLY C 113 -39.63 20.51 0.29
CA GLY C 113 -38.69 21.51 0.75
C GLY C 113 -38.67 21.77 2.24
N ARG C 114 -39.65 21.26 2.99
CA ARG C 114 -39.65 21.37 4.45
C ARG C 114 -38.34 20.86 5.03
N ARG C 115 -37.74 21.65 5.92
CA ARG C 115 -36.43 21.33 6.49
C ARG C 115 -36.51 21.45 7.99
N LEU C 116 -36.13 20.38 8.70
CA LEU C 116 -36.30 20.33 10.14
C LEU C 116 -35.13 21.00 10.86
N GLY C 117 -35.45 21.72 11.94
CA GLY C 117 -34.41 22.34 12.74
C GLY C 117 -33.80 21.40 13.77
N ASN C 118 -32.66 21.84 14.31
CA ASN C 118 -31.98 21.18 15.41
C ASN C 118 -32.88 21.03 16.62
N GLY C 119 -32.92 19.86 17.22
CA GLY C 119 -33.67 19.68 18.45
C GLY C 119 -35.07 19.15 18.25
N VAL C 120 -35.52 18.99 17.00
CA VAL C 120 -36.84 18.43 16.75
C VAL C 120 -36.85 16.96 17.15
N GLN C 121 -37.86 16.57 17.92
CA GLN C 121 -37.99 15.20 18.43
C GLN C 121 -38.68 14.30 17.43
N CYS C 122 -38.03 13.20 17.10
CA CYS C 122 -38.46 12.23 16.12
C CYS C 122 -38.40 10.82 16.71
N LEU C 123 -38.84 9.86 15.91
CA LEU C 123 -38.84 8.46 16.32
C LEU C 123 -38.32 7.65 15.16
N ALA C 124 -37.27 6.87 15.41
CA ALA C 124 -36.76 5.90 14.46
C ALA C 124 -37.28 4.52 14.84
N MET C 125 -37.24 3.61 13.88
CA MET C 125 -37.80 2.28 14.10
C MET C 125 -37.23 1.32 13.09
N GLY C 126 -37.26 0.04 13.42
CA GLY C 126 -36.82 -0.97 12.48
C GLY C 126 -36.66 -2.32 13.15
N TRP C 127 -36.37 -3.32 12.31
CA TRP C 127 -36.13 -4.68 12.74
C TRP C 127 -34.64 -5.05 12.69
N GLY C 128 -33.76 -4.07 12.52
CA GLY C 128 -32.34 -4.36 12.44
C GLY C 128 -31.76 -4.85 13.75
N LEU C 129 -30.44 -5.05 13.73
CA LEU C 129 -29.72 -5.63 14.86
C LEU C 129 -29.93 -4.81 16.13
N LEU C 130 -29.99 -5.51 17.26
CA LEU C 130 -30.16 -4.92 18.57
C LEU C 130 -28.84 -4.46 19.19
N GLY C 131 -27.71 -4.73 18.54
CA GLY C 131 -26.42 -4.42 19.10
C GLY C 131 -26.03 -5.44 20.15
N ARG C 132 -24.84 -5.24 20.71
CA ARG C 132 -24.31 -6.06 21.80
C ARG C 132 -24.29 -7.55 21.43
N ASN C 133 -24.30 -7.87 20.15
CA ASN C 133 -24.45 -9.23 19.64
C ASN C 133 -25.63 -9.95 20.30
N ARG C 134 -26.76 -9.24 20.39
CA ARG C 134 -28.04 -9.87 20.68
C ARG C 134 -28.74 -10.36 19.42
N GLY C 135 -28.25 -9.95 18.25
CA GLY C 135 -28.77 -10.43 17.00
C GLY C 135 -29.86 -9.54 16.44
N ILE C 136 -30.44 -10.02 15.33
CA ILE C 136 -31.52 -9.27 14.69
C ILE C 136 -32.74 -9.26 15.59
N ALA C 137 -33.52 -8.19 15.51
CA ALA C 137 -34.68 -8.06 16.36
C ALA C 137 -35.80 -8.96 15.85
N SER C 138 -36.54 -9.55 16.80
CA SER C 138 -37.77 -10.27 16.46
C SER C 138 -38.93 -9.31 16.29
N VAL C 139 -39.20 -8.48 17.30
CA VAL C 139 -40.33 -7.56 17.26
C VAL C 139 -39.83 -6.17 16.91
N LEU C 140 -40.69 -5.43 16.19
CA LEU C 140 -40.38 -4.08 15.73
C LEU C 140 -39.91 -3.20 16.89
N GLN C 141 -38.80 -2.50 16.66
CA GLN C 141 -38.17 -1.64 17.66
C GLN C 141 -38.37 -0.18 17.29
N GLU C 142 -38.42 0.68 18.30
CA GLU C 142 -38.49 2.11 18.10
C GLU C 142 -37.54 2.79 19.06
N LEU C 143 -37.14 4.01 18.70
CA LEU C 143 -36.08 4.73 19.39
C LEU C 143 -36.36 6.22 19.31
N ASN C 144 -36.33 6.92 20.45
CA ASN C 144 -36.47 8.36 20.46
C ASN C 144 -35.15 9.01 20.04
N VAL C 145 -35.18 9.87 19.02
CA VAL C 145 -33.97 10.53 18.53
C VAL C 145 -34.26 12.02 18.39
N THR C 146 -33.19 12.79 18.25
CA THR C 146 -33.28 14.23 18.07
C THR C 146 -32.63 14.60 16.76
N VAL C 147 -33.24 15.54 16.02
CA VAL C 147 -32.62 16.00 14.79
C VAL C 147 -31.41 16.86 15.14
N VAL C 148 -30.31 16.68 14.41
CA VAL C 148 -29.12 17.49 14.63
C VAL C 148 -28.54 17.90 13.28
N THR C 149 -27.84 19.03 13.27
CA THR C 149 -27.12 19.42 12.07
C THR C 149 -25.62 19.23 12.17
N SER C 150 -25.06 19.13 13.36
CA SER C 150 -23.62 18.92 13.45
C SER C 150 -23.25 17.58 12.82
N LEU C 151 -22.20 17.61 12.00
CA LEU C 151 -21.70 16.41 11.32
C LEU C 151 -22.71 15.87 10.33
N CYS C 152 -23.60 16.73 9.82
CA CYS C 152 -24.63 16.36 8.87
C CYS C 152 -24.50 17.21 7.61
N ARG C 153 -24.75 16.60 6.46
CA ARG C 153 -24.81 17.34 5.21
C ARG C 153 -26.19 17.99 5.07
N ARG C 154 -26.26 19.05 4.25
CA ARG C 154 -27.56 19.63 3.93
C ARG C 154 -28.41 18.68 3.08
N SER C 155 -27.77 17.70 2.43
CA SER C 155 -28.46 16.67 1.66
C SER C 155 -28.99 15.53 2.51
N ASN C 156 -28.96 15.65 3.83
CA ASN C 156 -29.51 14.60 4.69
C ASN C 156 -30.30 15.24 5.83
N VAL C 157 -31.12 14.43 6.49
CA VAL C 157 -31.56 14.73 7.86
C VAL C 157 -30.89 13.71 8.77
N CYS C 158 -30.14 14.21 9.77
CA CYS C 158 -29.44 13.34 10.69
C CYS C 158 -30.07 13.41 12.08
N THR C 159 -29.88 12.32 12.84
CA THR C 159 -30.42 12.21 14.18
C THR C 159 -29.38 11.64 15.12
N LEU C 160 -29.63 11.83 16.41
CA LEU C 160 -28.69 11.46 17.44
C LEU C 160 -29.46 11.26 18.74
N VAL C 161 -29.03 10.29 19.51
CA VAL C 161 -29.50 10.10 20.87
C VAL C 161 -28.45 10.69 21.81
N ARG C 162 -28.77 11.83 22.42
CA ARG C 162 -27.80 12.51 23.26
C ARG C 162 -27.53 11.71 24.53
N GLY C 163 -26.27 11.64 24.93
CA GLY C 163 -25.93 11.09 26.23
C GLY C 163 -25.70 9.59 26.29
N ARG C 164 -25.97 8.86 25.22
CA ARG C 164 -25.75 7.42 25.24
C ARG C 164 -25.51 6.91 23.83
N GLN C 165 -25.00 5.68 23.74
CA GLN C 165 -24.72 5.06 22.45
C GLN C 165 -25.96 4.27 22.02
N ALA C 166 -26.72 4.84 21.08
CA ALA C 166 -27.92 4.21 20.56
C ALA C 166 -28.14 4.78 19.17
N GLY C 167 -28.81 4.01 18.32
CA GLY C 167 -29.10 4.47 16.98
C GLY C 167 -29.49 3.28 16.12
N VAL C 168 -29.61 3.55 14.81
CA VAL C 168 -29.98 2.49 13.87
C VAL C 168 -28.78 1.57 13.64
N CYS C 169 -29.07 0.36 13.14
CA CYS C 169 -28.05 -0.64 12.95
C CYS C 169 -28.48 -1.55 11.79
N PHE C 170 -27.69 -2.59 11.51
CA PHE C 170 -27.83 -3.33 10.27
C PHE C 170 -29.19 -4.02 10.15
N GLY C 171 -29.88 -3.74 9.04
CA GLY C 171 -31.25 -4.14 8.85
C GLY C 171 -32.24 -3.00 8.95
N ASP C 172 -31.82 -1.86 9.51
CA ASP C 172 -32.70 -0.70 9.59
C ASP C 172 -32.65 0.15 8.35
N SER C 173 -31.69 -0.08 7.45
CA SER C 173 -31.65 0.62 6.18
C SER C 173 -33.05 0.68 5.58
N GLY C 174 -33.40 1.84 5.02
CA GLY C 174 -34.68 1.94 4.38
C GLY C 174 -35.85 2.26 5.28
N SER C 175 -35.69 2.17 6.62
CA SER C 175 -36.80 2.40 7.54
C SER C 175 -37.12 3.89 7.69
N PRO C 176 -38.36 4.21 8.03
CA PRO C 176 -38.77 5.61 8.16
C PRO C 176 -38.30 6.25 9.46
N LEU C 177 -38.05 7.54 9.35
CA LEU C 177 -37.93 8.44 10.49
C LEU C 177 -39.21 9.26 10.59
N VAL C 178 -39.94 9.11 11.69
CA VAL C 178 -41.23 9.81 11.87
C VAL C 178 -41.03 11.01 12.79
N CYS C 179 -41.32 12.21 12.28
CA CYS C 179 -41.26 13.42 13.08
C CYS C 179 -42.62 14.11 13.01
N ASN C 180 -43.28 14.21 14.15
CA ASN C 180 -44.60 14.82 14.24
C ASN C 180 -45.57 14.22 13.24
N GLY C 181 -45.59 12.88 13.19
CA GLY C 181 -46.56 12.17 12.39
C GLY C 181 -46.24 12.05 10.91
N LEU C 182 -45.20 12.73 10.43
CA LEU C 182 -44.85 12.72 9.02
C LEU C 182 -43.55 11.95 8.82
N ILE C 183 -43.37 11.37 7.64
CA ILE C 183 -42.15 10.62 7.32
C ILE C 183 -41.15 11.59 6.70
N HIS C 184 -40.15 12.00 7.48
CA HIS C 184 -39.14 12.93 7.01
C HIS C 184 -37.84 12.27 6.56
N GLY C 185 -37.60 11.02 6.94
CA GLY C 185 -36.33 10.38 6.63
C GLY C 185 -36.51 8.93 6.24
N ILE C 186 -35.52 8.46 5.48
CA ILE C 186 -35.30 7.06 5.16
C ILE C 186 -33.88 6.73 5.55
N ALA C 187 -33.68 5.69 6.38
CA ALA C 187 -32.36 5.42 6.93
C ALA C 187 -31.37 5.13 5.82
N SER C 188 -30.26 5.87 5.80
CA SER C 188 -29.31 5.76 4.71
C SER C 188 -27.93 5.28 5.14
N PHE C 189 -27.31 5.88 6.17
CA PHE C 189 -25.99 5.40 6.56
C PHE C 189 -25.63 5.80 7.99
N VAL C 190 -24.79 4.98 8.60
CA VAL C 190 -24.18 5.28 9.89
C VAL C 190 -22.71 5.64 9.67
N ARG C 191 -22.08 6.21 10.70
CA ARG C 191 -20.64 6.47 10.68
C ARG C 191 -20.06 6.05 12.01
N GLY C 192 -18.82 5.56 11.98
CA GLY C 192 -18.18 5.05 13.18
C GLY C 192 -18.76 3.75 13.70
N GLY C 193 -19.35 2.94 12.82
CA GLY C 193 -20.11 1.78 13.25
C GLY C 193 -21.46 2.23 13.83
N CYS C 194 -22.27 1.25 14.19
CA CYS C 194 -23.56 1.52 14.82
C CYS C 194 -23.40 2.12 16.21
N ALA C 195 -24.34 3.00 16.57
CA ALA C 195 -24.44 3.51 17.94
C ALA C 195 -23.10 4.02 18.46
N SER C 196 -22.45 4.86 17.66
CA SER C 196 -21.09 5.23 18.00
C SER C 196 -21.04 6.26 19.13
N GLY C 197 -22.08 7.08 19.25
CA GLY C 197 -22.02 8.25 20.11
C GLY C 197 -21.10 9.33 19.61
N LEU C 198 -20.60 9.21 18.38
CA LEU C 198 -19.67 10.18 17.81
C LEU C 198 -20.25 10.85 16.57
N TYR C 199 -21.01 10.11 15.78
CA TYR C 199 -21.60 10.58 14.56
C TYR C 199 -23.11 10.39 14.64
N PRO C 200 -23.89 11.32 14.11
CA PRO C 200 -25.33 11.11 13.99
C PRO C 200 -25.63 10.12 12.87
N ASP C 201 -26.82 9.52 12.94
CA ASP C 201 -27.31 8.68 11.85
C ASP C 201 -27.88 9.56 10.74
N ALA C 202 -27.71 9.13 9.49
CA ALA C 202 -28.09 9.94 8.35
C ALA C 202 -29.27 9.30 7.62
N PHE C 203 -30.27 10.12 7.31
CA PHE C 203 -31.47 9.69 6.60
C PHE C 203 -31.58 10.43 5.28
N ALA C 204 -32.06 9.73 4.26
CA ALA C 204 -32.44 10.44 3.04
C ALA C 204 -33.55 11.43 3.39
N PRO C 205 -33.48 12.67 2.93
CA PRO C 205 -34.45 13.67 3.35
C PRO C 205 -35.72 13.67 2.49
N VAL C 206 -36.74 12.94 2.95
CA VAL C 206 -37.95 12.73 2.16
C VAL C 206 -38.50 14.03 1.57
N ALA C 207 -38.51 15.10 2.38
CA ALA C 207 -39.13 16.35 1.94
C ALA C 207 -38.52 16.86 0.64
N GLN C 208 -37.24 16.59 0.41
CA GLN C 208 -36.60 17.09 -0.80
C GLN C 208 -37.09 16.39 -2.06
N PHE C 209 -37.85 15.30 -1.93
CA PHE C 209 -38.25 14.47 -3.06
C PHE C 209 -39.77 14.38 -3.27
N VAL C 210 -40.56 15.17 -2.56
CA VAL C 210 -42.01 14.98 -2.56
C VAL C 210 -42.64 15.29 -3.91
N ASN C 211 -42.10 16.25 -4.65
CA ASN C 211 -42.64 16.50 -5.99
C ASN C 211 -42.38 15.30 -6.90
N TRP C 212 -41.18 14.72 -6.81
CA TRP C 212 -40.88 13.53 -7.59
C TRP C 212 -41.76 12.36 -7.17
N ILE C 213 -41.92 12.16 -5.85
CA ILE C 213 -42.74 11.06 -5.33
C ILE C 213 -44.16 11.15 -5.86
N ASP C 214 -44.79 12.32 -5.72
CA ASP C 214 -46.12 12.53 -6.28
C ASP C 214 -46.18 12.15 -7.76
N SER C 215 -45.18 12.56 -8.53
CA SER C 215 -45.23 12.31 -9.97
C SER C 215 -45.25 10.82 -10.27
N ILE C 216 -44.83 9.99 -9.31
CA ILE C 216 -44.87 8.55 -9.48
C ILE C 216 -46.23 7.97 -9.12
N ILE C 217 -46.88 8.49 -8.08
CA ILE C 217 -47.96 7.80 -7.39
C ILE C 217 -49.29 8.55 -7.44
N GLN C 218 -49.32 9.75 -8.01
CA GLN C 218 -50.50 10.64 -8.07
C GLN C 218 -50.83 11.21 -6.69
N ILE D 1 5.16 6.42 -26.69
CA ILE D 1 4.25 5.40 -27.20
C ILE D 1 4.99 4.09 -27.46
N VAL D 2 4.61 3.04 -26.74
CA VAL D 2 5.14 1.69 -26.95
C VAL D 2 4.21 0.93 -27.86
N GLY D 3 4.76 0.36 -28.94
CA GLY D 3 3.99 -0.52 -29.81
C GLY D 3 3.13 0.19 -30.84
N GLY D 4 3.30 1.49 -31.02
CA GLY D 4 2.56 2.25 -32.02
C GLY D 4 3.27 2.30 -33.34
N ARG D 5 3.09 3.41 -34.05
CA ARG D 5 3.70 3.59 -35.36
C ARG D 5 3.96 5.07 -35.55
N ARG D 6 4.81 5.38 -36.53
CA ARG D 6 5.10 6.77 -36.88
C ARG D 6 3.87 7.46 -37.44
N ALA D 7 3.47 8.58 -36.82
CA ALA D 7 2.49 9.43 -37.46
C ALA D 7 3.08 10.04 -38.73
N ARG D 8 2.23 10.27 -39.71
CA ARG D 8 2.60 11.05 -40.87
C ARG D 8 2.96 12.47 -40.42
N PRO D 9 3.85 13.15 -41.16
CA PRO D 9 4.26 14.50 -40.74
C PRO D 9 3.05 15.43 -40.64
N HIS D 10 2.92 16.09 -39.50
CA HIS D 10 1.87 17.10 -39.29
C HIS D 10 0.47 16.50 -39.53
N ALA D 11 0.36 15.19 -39.29
CA ALA D 11 -0.95 14.56 -39.24
C ALA D 11 -1.84 15.19 -38.18
N TRP D 12 -1.26 15.64 -37.07
CA TRP D 12 -2.02 16.12 -35.92
C TRP D 12 -1.54 17.53 -35.58
N PRO D 13 -1.99 18.54 -36.33
CA PRO D 13 -1.44 19.90 -36.17
C PRO D 13 -1.74 20.55 -34.82
N PHE D 14 -2.58 19.95 -33.96
CA PHE D 14 -2.79 20.45 -32.62
C PHE D 14 -1.79 19.89 -31.61
N MET D 15 -0.98 18.93 -32.02
CA MET D 15 -0.08 18.26 -31.08
C MET D 15 1.08 19.19 -30.70
N VAL D 16 1.38 19.25 -29.41
CA VAL D 16 2.35 20.17 -28.83
C VAL D 16 3.39 19.40 -28.03
N SER D 17 4.65 19.88 -28.08
CA SER D 17 5.72 19.36 -27.24
C SER D 17 6.10 20.41 -26.21
N LEU D 18 6.01 20.06 -24.93
CA LEU D 18 6.50 20.92 -23.85
C LEU D 18 7.96 20.58 -23.60
N GLN D 19 8.82 21.59 -23.60
CA GLN D 19 10.25 21.34 -23.50
C GLN D 19 10.86 22.15 -22.36
N LEU D 20 11.86 21.53 -21.73
CA LEU D 20 12.58 22.10 -20.62
C LEU D 20 14.07 22.06 -20.98
N ARG D 21 14.68 23.24 -21.13
CA ARG D 21 16.07 23.33 -21.57
C ARG D 21 16.31 22.48 -22.82
N GLY D 22 15.39 22.58 -23.78
CA GLY D 22 15.51 21.88 -25.04
C GLY D 22 15.06 20.43 -25.04
N GLY D 23 14.78 19.83 -23.88
CA GLY D 23 14.34 18.45 -23.82
C GLY D 23 12.83 18.35 -23.66
N HIS D 24 12.22 17.50 -24.48
CA HIS D 24 10.79 17.21 -24.36
C HIS D 24 10.49 16.53 -23.03
N PHE D 25 9.52 17.04 -22.28
CA PHE D 25 9.17 16.34 -21.05
C PHE D 25 7.68 15.96 -20.95
N CYS D 26 6.83 16.48 -21.81
CA CYS D 26 5.39 16.18 -21.79
C CYS D 26 4.79 16.67 -23.10
N GLY D 27 3.66 16.06 -23.47
CA GLY D 27 2.85 16.58 -24.56
C GLY D 27 1.83 17.61 -24.08
N ALA D 28 1.15 18.19 -25.06
CA ALA D 28 0.08 19.16 -24.83
C ALA D 28 -0.72 19.28 -26.12
N THR D 29 -1.82 20.04 -26.04
CA THR D 29 -2.77 20.19 -27.15
C THR D 29 -3.06 21.67 -27.33
N LEU D 30 -3.00 22.15 -28.57
CA LEU D 30 -3.38 23.53 -28.86
C LEU D 30 -4.90 23.64 -28.94
N ILE D 31 -5.49 24.39 -28.03
CA ILE D 31 -6.94 24.52 -27.96
C ILE D 31 -7.44 25.91 -28.32
N ALA D 32 -6.54 26.87 -28.51
CA ALA D 32 -6.85 28.17 -29.07
C ALA D 32 -5.53 28.75 -29.56
N PRO D 33 -5.54 29.82 -30.37
CA PRO D 33 -4.25 30.35 -30.82
C PRO D 33 -3.27 30.67 -29.69
N ASN D 34 -3.74 30.99 -28.48
CA ASN D 34 -2.81 31.34 -27.41
C ASN D 34 -3.01 30.53 -26.14
N PHE D 35 -3.61 29.34 -26.25
CA PHE D 35 -3.75 28.46 -25.08
C PHE D 35 -3.44 27.03 -25.48
N VAL D 36 -2.66 26.34 -24.64
CA VAL D 36 -2.49 24.89 -24.77
C VAL D 36 -2.99 24.22 -23.50
N MET D 37 -3.24 22.93 -23.61
CA MET D 37 -3.82 22.13 -22.54
C MET D 37 -2.95 20.90 -22.33
N SER D 38 -2.67 20.57 -21.07
CA SER D 38 -1.79 19.45 -20.75
C SER D 38 -2.21 18.89 -19.40
N ALA D 39 -1.41 17.98 -18.85
CA ALA D 39 -1.72 17.41 -17.55
C ALA D 39 -1.15 18.29 -16.46
N ALA D 40 -1.88 18.42 -15.34
CA ALA D 40 -1.40 19.27 -14.24
C ALA D 40 -0.13 18.71 -13.59
N HIS D 41 0.01 17.39 -13.52
CA HIS D 41 1.23 16.85 -12.92
C HIS D 41 2.47 17.16 -13.76
N CYS D 42 2.32 17.59 -15.02
CA CYS D 42 3.49 17.86 -15.85
C CYS D 42 4.23 19.11 -15.40
N VAL D 43 3.49 20.12 -14.95
CA VAL D 43 4.05 21.44 -14.66
C VAL D 43 3.88 21.84 -13.21
N ALA D 44 3.20 21.02 -12.40
CA ALA D 44 3.03 21.35 -10.98
C ALA D 44 4.34 21.70 -10.30
N ASN D 45 5.43 21.04 -10.68
CA ASN D 45 6.68 21.18 -9.96
C ASN D 45 7.79 21.85 -10.76
N VAL D 46 7.53 22.27 -11.99
CA VAL D 46 8.60 22.81 -12.83
C VAL D 46 8.68 24.33 -12.66
N ASN D 47 9.84 24.88 -12.99
CA ASN D 47 9.97 26.33 -13.12
C ASN D 47 9.32 26.73 -14.43
N VAL D 48 8.14 27.33 -14.31
CA VAL D 48 7.32 27.68 -15.46
C VAL D 48 8.05 28.57 -16.45
N ARG D 49 8.94 29.46 -15.97
CA ARG D 49 9.64 30.36 -16.88
C ARG D 49 10.71 29.67 -17.70
N ALA D 50 10.94 28.37 -17.53
CA ALA D 50 11.90 27.67 -18.37
C ALA D 50 11.22 26.71 -19.32
N VAL D 51 9.92 26.73 -19.40
CA VAL D 51 9.18 25.84 -20.29
C VAL D 51 9.07 26.48 -21.65
N ARG D 52 9.31 25.69 -22.69
CA ARG D 52 9.08 26.14 -24.05
C ARG D 52 7.97 25.30 -24.66
N VAL D 53 7.01 25.96 -25.29
CA VAL D 53 5.88 25.34 -25.94
C VAL D 53 6.19 25.29 -27.43
N VAL D 54 6.30 24.08 -27.98
CA VAL D 54 6.72 23.90 -29.36
C VAL D 54 5.53 23.39 -30.18
N LEU D 55 5.05 24.20 -31.12
CA LEU D 55 3.96 23.85 -32.01
C LEU D 55 4.49 23.51 -33.40
N GLY D 56 3.70 22.73 -34.13
CA GLY D 56 4.04 22.40 -35.50
C GLY D 56 5.23 21.47 -35.65
N ALA D 57 5.58 20.71 -34.62
CA ALA D 57 6.74 19.83 -34.66
C ALA D 57 6.36 18.44 -35.16
N HIS D 58 7.38 17.71 -35.60
CA HIS D 58 7.21 16.31 -35.96
C HIS D 58 8.39 15.48 -35.46
N ASN D 59 9.58 15.82 -35.95
CA ASN D 59 10.82 15.14 -35.58
C ASN D 59 11.59 16.03 -34.62
N LEU D 60 11.56 15.68 -33.34
CA LEU D 60 12.22 16.51 -32.33
C LEU D 60 13.73 16.53 -32.46
N SER D 61 14.31 15.65 -33.28
CA SER D 61 15.75 15.60 -33.47
C SER D 61 16.23 16.58 -34.53
N ARG D 62 15.36 17.00 -35.44
CA ARG D 62 15.77 17.84 -36.55
C ARG D 62 15.48 19.31 -36.25
N ARG D 63 16.16 20.19 -36.98
CA ARG D 63 15.77 21.58 -37.01
C ARG D 63 14.58 21.71 -37.95
N GLU D 64 13.45 22.16 -37.44
CA GLU D 64 12.23 22.20 -38.22
C GLU D 64 11.74 23.63 -38.33
N PRO D 65 11.80 24.24 -39.51
CA PRO D 65 11.31 25.61 -39.65
C PRO D 65 9.79 25.71 -39.56
N THR D 66 9.07 24.60 -39.76
CA THR D 66 7.62 24.59 -39.57
C THR D 66 7.22 24.78 -38.11
N ARG D 67 8.17 24.97 -37.21
CA ARG D 67 7.88 25.09 -35.79
C ARG D 67 7.62 26.53 -35.39
N GLN D 68 6.86 26.69 -34.30
CA GLN D 68 6.67 27.98 -33.64
C GLN D 68 6.82 27.75 -32.14
N VAL D 69 7.56 28.61 -31.47
CA VAL D 69 7.96 28.40 -30.08
C VAL D 69 7.41 29.53 -29.23
N PHE D 70 6.79 29.19 -28.11
CA PHE D 70 6.21 30.19 -27.22
C PHE D 70 6.68 29.94 -25.81
N ALA D 71 6.66 30.99 -25.01
CA ALA D 71 6.85 30.91 -23.56
C ALA D 71 5.48 30.87 -22.88
N VAL D 72 5.48 30.47 -21.61
CA VAL D 72 4.23 30.36 -20.85
C VAL D 72 4.02 31.65 -20.06
N GLN D 73 2.88 32.27 -20.29
CA GLN D 73 2.56 33.53 -19.62
C GLN D 73 1.80 33.33 -18.32
N ARG D 74 0.96 32.30 -18.25
CA ARG D 74 0.13 32.08 -17.09
C ARG D 74 -0.40 30.65 -17.12
N ILE D 75 -0.73 30.13 -15.95
CA ILE D 75 -1.19 28.77 -15.76
C ILE D 75 -2.56 28.80 -15.09
N PHE D 76 -3.48 28.00 -15.62
CA PHE D 76 -4.83 27.86 -15.07
C PHE D 76 -5.05 26.40 -14.70
N GLU D 77 -5.48 26.18 -13.46
CA GLU D 77 -5.73 24.85 -12.94
C GLU D 77 -7.20 24.75 -12.52
N ASN D 78 -7.62 23.52 -12.23
CA ASN D 78 -9.01 23.25 -11.92
C ASN D 78 -9.11 22.20 -10.81
N GLY D 79 -8.45 22.48 -9.68
CA GLY D 79 -8.51 21.58 -8.54
C GLY D 79 -7.75 20.27 -8.72
N TYR D 80 -6.52 20.34 -9.23
CA TYR D 80 -5.66 19.15 -9.33
C TYR D 80 -5.39 18.57 -7.95
N ASP D 81 -5.56 17.25 -7.83
CA ASP D 81 -5.25 16.53 -6.60
C ASP D 81 -4.11 15.58 -6.91
N PRO D 82 -2.87 15.87 -6.49
CA PRO D 82 -1.76 14.98 -6.84
C PRO D 82 -1.84 13.62 -6.15
N VAL D 83 -2.51 13.51 -5.01
CA VAL D 83 -2.52 12.25 -4.29
C VAL D 83 -3.46 11.25 -4.98
N ASN D 84 -4.62 11.72 -5.41
CA ASN D 84 -5.62 10.86 -6.05
C ASN D 84 -5.64 11.00 -7.56
N LEU D 85 -4.82 11.90 -8.12
CA LEU D 85 -4.73 12.13 -9.56
C LEU D 85 -6.11 12.44 -10.15
N LEU D 86 -6.81 13.35 -9.50
CA LEU D 86 -8.10 13.86 -9.96
C LEU D 86 -7.90 15.23 -10.59
N ASN D 87 -8.68 15.52 -11.63
CA ASN D 87 -8.62 16.83 -12.30
C ASN D 87 -7.20 17.14 -12.78
N ASP D 88 -6.59 16.18 -13.45
CA ASP D 88 -5.18 16.30 -13.86
C ASP D 88 -5.13 17.03 -15.21
N ILE D 89 -5.47 18.32 -15.16
CA ILE D 89 -5.57 19.16 -16.36
C ILE D 89 -5.05 20.55 -16.02
N VAL D 90 -4.30 21.12 -16.94
CA VAL D 90 -3.85 22.49 -16.81
C VAL D 90 -3.96 23.15 -18.18
N ILE D 91 -4.23 24.45 -18.17
CA ILE D 91 -4.24 25.27 -19.38
C ILE D 91 -3.09 26.25 -19.28
N LEU D 92 -2.24 26.28 -20.30
CA LEU D 92 -1.14 27.23 -20.37
C LEU D 92 -1.47 28.32 -21.37
N GLN D 93 -1.50 29.57 -20.91
CA GLN D 93 -1.62 30.69 -21.82
C GLN D 93 -0.26 31.02 -22.36
N LEU D 94 -0.19 31.25 -23.67
CA LEU D 94 1.07 31.54 -24.34
C LEU D 94 1.37 33.03 -24.30
N ASN D 95 2.67 33.37 -24.33
CA ASN D 95 3.03 34.79 -24.47
C ASN D 95 2.66 35.37 -25.85
N GLY D 96 1.97 34.63 -26.70
CA GLY D 96 1.53 35.17 -27.98
C GLY D 96 0.50 34.26 -28.61
N SER D 97 0.21 34.51 -29.88
CA SER D 97 -0.76 33.72 -30.63
C SER D 97 -0.05 32.97 -31.76
N ALA D 98 -0.27 31.66 -31.80
CA ALA D 98 0.16 30.85 -32.93
C ALA D 98 -0.28 31.45 -34.26
N THR D 99 0.56 31.28 -35.28
CA THR D 99 0.09 31.47 -36.65
C THR D 99 -0.59 30.19 -37.09
N ILE D 100 -1.89 30.27 -37.35
CA ILE D 100 -2.63 29.08 -37.76
C ILE D 100 -2.32 28.82 -39.23
N ASN D 101 -1.87 27.61 -39.53
CA ASN D 101 -1.50 27.26 -40.90
C ASN D 101 -1.64 25.75 -41.05
N ALA D 102 -1.04 25.20 -42.11
CA ALA D 102 -1.14 23.77 -42.39
C ALA D 102 -0.66 22.92 -41.23
N ASN D 103 0.33 23.41 -40.47
CA ASN D 103 1.01 22.60 -39.47
C ASN D 103 0.63 22.95 -38.04
N VAL D 104 -0.10 24.03 -37.83
CA VAL D 104 -0.47 24.48 -36.50
C VAL D 104 -1.96 24.81 -36.55
N GLN D 105 -2.77 23.96 -35.90
CA GLN D 105 -4.22 24.09 -35.92
C GLN D 105 -4.78 23.81 -34.53
N VAL D 106 -5.94 24.37 -34.28
CA VAL D 106 -6.59 24.28 -32.98
C VAL D 106 -7.42 23.00 -32.97
N ALA D 107 -7.31 22.22 -31.89
CA ALA D 107 -8.07 21.00 -31.78
C ALA D 107 -9.54 21.30 -31.45
N GLN D 108 -10.39 20.29 -31.62
CA GLN D 108 -11.81 20.40 -31.31
C GLN D 108 -12.12 19.56 -30.08
N LEU D 109 -12.84 20.15 -29.14
CA LEU D 109 -13.17 19.55 -27.85
C LEU D 109 -14.59 19.00 -27.89
N PRO D 110 -14.92 18.04 -27.03
CA PRO D 110 -16.28 17.51 -27.00
C PRO D 110 -17.22 18.39 -26.17
N ALA D 111 -18.50 18.06 -26.24
CA ALA D 111 -19.48 18.73 -25.41
C ALA D 111 -19.27 18.36 -23.94
N GLN D 112 -19.56 19.32 -23.06
CA GLN D 112 -19.45 19.10 -21.63
C GLN D 112 -20.24 17.86 -21.21
N GLY D 113 -19.61 16.96 -20.46
CA GLY D 113 -20.29 15.81 -19.93
C GLY D 113 -20.42 14.60 -20.84
N ARG D 114 -19.98 14.68 -22.10
CA ARG D 114 -20.03 13.51 -22.96
C ARG D 114 -19.16 12.41 -22.38
N ARG D 115 -19.70 11.20 -22.25
CA ARG D 115 -18.89 10.07 -21.80
C ARG D 115 -18.75 9.06 -22.93
N LEU D 116 -17.58 8.45 -23.03
CA LEU D 116 -17.28 7.49 -24.08
C LEU D 116 -17.55 6.08 -23.58
N GLY D 117 -18.31 5.34 -24.34
CA GLY D 117 -18.68 3.99 -23.94
C GLY D 117 -17.55 3.00 -24.12
N ASN D 118 -17.68 1.88 -23.40
CA ASN D 118 -16.78 0.76 -23.59
C ASN D 118 -16.73 0.39 -25.06
N GLY D 119 -15.53 0.33 -25.62
CA GLY D 119 -15.35 -0.12 -26.99
C GLY D 119 -15.17 0.96 -28.03
N VAL D 120 -15.24 2.24 -27.66
CA VAL D 120 -15.03 3.29 -28.64
C VAL D 120 -13.57 3.29 -29.10
N GLN D 121 -13.37 3.49 -30.40
CA GLN D 121 -12.04 3.43 -31.02
C GLN D 121 -11.39 4.81 -31.01
N CYS D 122 -10.24 4.92 -30.35
CA CYS D 122 -9.54 6.18 -30.19
C CYS D 122 -8.11 6.08 -30.72
N LEU D 123 -7.44 7.23 -30.78
CA LEU D 123 -6.04 7.29 -31.18
C LEU D 123 -5.25 8.03 -30.11
N ALA D 124 -4.25 7.36 -29.55
CA ALA D 124 -3.30 8.01 -28.65
C ALA D 124 -2.05 8.39 -29.43
N MET D 125 -1.28 9.33 -28.90
CA MET D 125 -0.10 9.83 -29.60
C MET D 125 0.86 10.48 -28.62
N GLY D 126 2.12 10.62 -29.02
CA GLY D 126 3.09 11.29 -28.18
C GLY D 126 4.53 11.07 -28.61
N TRP D 127 5.42 11.75 -27.89
CA TRP D 127 6.86 11.65 -28.10
C TRP D 127 7.58 10.95 -26.94
N GLY D 128 6.89 10.11 -26.18
CA GLY D 128 7.51 9.42 -25.08
C GLY D 128 8.33 8.21 -25.52
N LEU D 129 8.80 7.45 -24.52
CA LEU D 129 9.64 6.28 -24.76
C LEU D 129 8.93 5.26 -25.63
N LEU D 130 9.73 4.54 -26.42
CA LEU D 130 9.24 3.57 -27.38
C LEU D 130 9.21 2.14 -26.83
N GLY D 131 9.65 1.93 -25.60
CA GLY D 131 9.61 0.62 -25.00
C GLY D 131 10.99 0.07 -24.71
N ARG D 132 11.00 -1.18 -24.27
CA ARG D 132 12.21 -1.82 -23.78
C ARG D 132 13.24 -1.97 -24.90
N ASN D 133 14.46 -1.49 -24.64
CA ASN D 133 15.55 -1.51 -25.62
C ASN D 133 15.14 -0.84 -26.94
N ARG D 134 14.42 0.28 -26.83
CA ARG D 134 14.02 1.01 -28.01
C ARG D 134 14.24 2.51 -27.91
N GLY D 135 14.71 3.03 -26.77
CA GLY D 135 15.01 4.45 -26.64
C GLY D 135 13.79 5.37 -26.62
N ILE D 136 14.03 6.65 -26.87
CA ILE D 136 12.99 7.66 -26.84
C ILE D 136 12.63 8.04 -28.27
N ALA D 137 11.38 8.44 -28.49
CA ALA D 137 10.96 8.73 -29.85
C ALA D 137 11.60 10.02 -30.33
N SER D 138 11.99 10.04 -31.60
CA SER D 138 12.31 11.27 -32.30
C SER D 138 11.10 11.78 -33.07
N VAL D 139 10.44 10.90 -33.81
CA VAL D 139 9.28 11.22 -34.63
C VAL D 139 8.02 10.89 -33.84
N LEU D 140 7.04 11.81 -33.87
CA LEU D 140 5.78 11.62 -33.16
C LEU D 140 5.17 10.27 -33.50
N GLN D 141 4.61 9.60 -32.48
CA GLN D 141 4.05 8.28 -32.62
C GLN D 141 2.56 8.33 -32.33
N GLU D 142 1.80 7.39 -32.90
CA GLU D 142 0.38 7.27 -32.63
C GLU D 142 0.03 5.80 -32.49
N LEU D 143 -1.07 5.53 -31.78
CA LEU D 143 -1.44 4.17 -31.38
C LEU D 143 -2.95 3.99 -31.36
N ASN D 144 -3.45 2.99 -32.08
CA ASN D 144 -4.88 2.66 -31.99
C ASN D 144 -5.16 2.02 -30.65
N VAL D 145 -6.11 2.60 -29.90
CA VAL D 145 -6.54 2.10 -28.60
C VAL D 145 -8.06 2.05 -28.57
N THR D 146 -8.59 1.37 -27.56
CA THR D 146 -10.02 1.19 -27.35
C THR D 146 -10.39 1.62 -25.95
N VAL D 147 -11.48 2.37 -25.80
CA VAL D 147 -11.93 2.75 -24.46
C VAL D 147 -12.47 1.54 -23.72
N VAL D 148 -12.09 1.40 -22.44
CA VAL D 148 -12.55 0.32 -21.59
C VAL D 148 -13.07 0.88 -20.28
N THR D 149 -14.00 0.15 -19.66
CA THR D 149 -14.51 0.51 -18.35
C THR D 149 -14.16 -0.51 -17.27
N SER D 150 -13.87 -1.76 -17.67
CA SER D 150 -13.27 -2.71 -16.75
C SER D 150 -11.87 -2.25 -16.38
N LEU D 151 -11.54 -2.35 -15.09
CA LEU D 151 -10.28 -1.89 -14.52
C LEU D 151 -10.07 -0.39 -14.68
N CYS D 152 -11.13 0.38 -14.88
CA CYS D 152 -11.00 1.82 -14.90
C CYS D 152 -11.66 2.37 -13.63
N ARG D 153 -11.81 3.69 -13.58
CA ARG D 153 -12.60 4.34 -12.55
C ARG D 153 -13.40 5.45 -13.20
N ARG D 154 -14.50 5.85 -12.53
CA ARG D 154 -15.40 6.84 -13.14
C ARG D 154 -14.73 8.18 -13.42
N SER D 155 -13.67 8.53 -12.70
CA SER D 155 -13.09 9.86 -12.88
C SER D 155 -11.95 9.86 -13.91
N ASN D 156 -11.83 8.81 -14.71
CA ASN D 156 -10.86 8.75 -15.79
C ASN D 156 -11.51 8.17 -17.03
N VAL D 157 -10.93 8.48 -18.18
CA VAL D 157 -11.11 7.69 -19.40
C VAL D 157 -9.91 6.76 -19.52
N CYS D 158 -10.17 5.46 -19.65
CA CYS D 158 -9.09 4.49 -19.73
C CYS D 158 -9.12 3.79 -21.08
N THR D 159 -7.95 3.49 -21.60
CA THR D 159 -7.83 2.83 -22.90
C THR D 159 -6.89 1.64 -22.80
N LEU D 160 -7.05 0.73 -23.73
CA LEU D 160 -6.29 -0.51 -23.72
C LEU D 160 -6.05 -0.96 -25.15
N VAL D 161 -4.89 -1.58 -25.38
CA VAL D 161 -4.63 -2.35 -26.59
C VAL D 161 -4.69 -3.80 -26.17
N ARG D 162 -5.74 -4.49 -26.59
CA ARG D 162 -5.95 -5.87 -26.14
C ARG D 162 -5.08 -6.82 -26.95
N GLY D 163 -4.53 -7.82 -26.27
CA GLY D 163 -3.80 -8.88 -26.95
C GLY D 163 -2.38 -8.57 -27.33
N ARG D 164 -1.79 -7.52 -26.77
CA ARG D 164 -0.37 -7.23 -26.93
C ARG D 164 -0.01 -6.07 -26.01
N GLN D 165 1.29 -5.93 -25.75
CA GLN D 165 1.79 -4.96 -24.77
C GLN D 165 2.06 -3.65 -25.49
N ALA D 166 1.09 -2.74 -25.44
CA ALA D 166 1.23 -1.44 -26.08
C ALA D 166 0.51 -0.41 -25.23
N GLY D 167 0.96 0.83 -25.34
CA GLY D 167 0.36 1.93 -24.60
C GLY D 167 1.29 3.12 -24.53
N VAL D 168 0.92 4.08 -23.65
CA VAL D 168 1.72 5.28 -23.45
C VAL D 168 2.85 5.02 -22.46
N CYS D 169 3.89 5.86 -22.50
CA CYS D 169 5.05 5.68 -21.64
C CYS D 169 5.67 7.05 -21.35
N PHE D 170 6.78 7.04 -20.60
CA PHE D 170 7.32 8.27 -20.03
C PHE D 170 7.65 9.29 -21.11
N GLY D 171 7.18 10.53 -20.91
CA GLY D 171 7.20 11.56 -21.93
C GLY D 171 5.88 11.73 -22.67
N ASP D 172 4.94 10.81 -22.51
CA ASP D 172 3.62 10.91 -23.12
C ASP D 172 2.60 11.65 -22.25
N SER D 173 2.93 11.89 -20.97
CA SER D 173 2.05 12.66 -20.09
C SER D 173 1.61 13.95 -20.79
N GLY D 174 0.33 14.30 -20.61
CA GLY D 174 -0.19 15.54 -21.17
C GLY D 174 -0.63 15.47 -22.62
N SER D 175 -0.36 14.39 -23.30
CA SER D 175 -0.69 14.25 -24.70
C SER D 175 -2.17 13.90 -24.88
N PRO D 176 -2.74 14.26 -26.02
CA PRO D 176 -4.16 14.05 -26.24
C PRO D 176 -4.51 12.61 -26.56
N LEU D 177 -5.73 12.25 -26.19
CA LEU D 177 -6.42 11.09 -26.75
C LEU D 177 -7.48 11.60 -27.71
N VAL D 178 -7.46 11.12 -28.95
CA VAL D 178 -8.39 11.59 -29.98
C VAL D 178 -9.41 10.50 -30.27
N CYS D 179 -10.70 10.83 -30.13
CA CYS D 179 -11.79 9.90 -30.45
C CYS D 179 -12.81 10.63 -31.30
N ASN D 180 -13.10 10.06 -32.49
CA ASN D 180 -14.05 10.64 -33.45
C ASN D 180 -13.73 12.11 -33.73
N GLY D 181 -12.45 12.43 -33.79
CA GLY D 181 -12.03 13.77 -34.12
C GLY D 181 -12.02 14.76 -32.97
N LEU D 182 -12.31 14.31 -31.75
CA LEU D 182 -12.43 15.19 -30.61
C LEU D 182 -11.41 14.80 -29.55
N ILE D 183 -10.91 15.79 -28.81
CA ILE D 183 -9.92 15.53 -27.76
C ILE D 183 -10.66 15.12 -26.50
N HIS D 184 -10.70 13.82 -26.23
CA HIS D 184 -11.45 13.28 -25.09
C HIS D 184 -10.58 12.99 -23.87
N GLY D 185 -9.26 12.96 -24.02
CA GLY D 185 -8.41 12.66 -22.87
C GLY D 185 -7.10 13.41 -22.90
N ILE D 186 -6.50 13.57 -21.72
CA ILE D 186 -5.12 14.02 -21.54
C ILE D 186 -4.37 12.93 -20.78
N ALA D 187 -3.29 12.41 -21.35
CA ALA D 187 -2.55 11.31 -20.73
C ALA D 187 -2.19 11.64 -19.29
N SER D 188 -2.56 10.75 -18.36
CA SER D 188 -2.43 11.06 -16.94
C SER D 188 -1.62 10.04 -16.15
N PHE D 189 -1.92 8.75 -16.23
CA PHE D 189 -1.12 7.81 -15.45
C PHE D 189 -1.21 6.41 -16.05
N VAL D 190 -0.20 5.60 -15.77
CA VAL D 190 -0.18 4.18 -16.12
C VAL D 190 -0.12 3.37 -14.82
N ARG D 191 -0.45 2.08 -14.93
CA ARG D 191 -0.52 1.20 -13.78
C ARG D 191 0.28 -0.06 -14.09
N GLY D 192 1.10 -0.49 -13.13
CA GLY D 192 1.94 -1.64 -13.37
C GLY D 192 2.97 -1.46 -14.46
N GLY D 193 3.52 -0.27 -14.60
CA GLY D 193 4.52 0.00 -15.61
C GLY D 193 3.90 0.24 -16.97
N CYS D 194 4.71 0.82 -17.86
CA CYS D 194 4.26 1.07 -19.23
C CYS D 194 3.87 -0.23 -19.92
N ALA D 195 2.83 -0.16 -20.75
CA ALA D 195 2.48 -1.24 -21.69
C ALA D 195 2.49 -2.61 -21.01
N SER D 196 1.77 -2.71 -19.90
CA SER D 196 1.69 -3.97 -19.19
C SER D 196 0.90 -5.02 -19.97
N GLY D 197 0.04 -4.60 -20.91
CA GLY D 197 -0.85 -5.49 -21.61
C GLY D 197 -2.04 -5.95 -20.80
N LEU D 198 -2.13 -5.54 -19.55
CA LEU D 198 -3.17 -5.99 -18.62
C LEU D 198 -3.97 -4.84 -18.03
N TYR D 199 -3.30 -3.75 -17.62
CA TYR D 199 -4.00 -2.60 -17.04
C TYR D 199 -4.10 -1.48 -18.06
N PRO D 200 -5.26 -0.89 -18.24
CA PRO D 200 -5.39 0.22 -19.20
C PRO D 200 -4.61 1.43 -18.75
N ASP D 201 -4.31 2.30 -19.71
CA ASP D 201 -3.78 3.62 -19.38
C ASP D 201 -4.94 4.56 -19.05
N ALA D 202 -4.67 5.54 -18.20
CA ALA D 202 -5.70 6.45 -17.72
C ALA D 202 -5.46 7.85 -18.23
N PHE D 203 -6.51 8.44 -18.78
CA PHE D 203 -6.52 9.80 -19.29
C PHE D 203 -7.48 10.66 -18.46
N ALA D 204 -7.09 11.90 -18.25
CA ALA D 204 -7.97 12.89 -17.63
C ALA D 204 -9.13 13.14 -18.58
N PRO D 205 -10.33 13.17 -18.09
CA PRO D 205 -11.49 13.15 -18.99
C PRO D 205 -11.89 14.55 -19.43
N VAL D 206 -11.36 14.97 -20.60
CA VAL D 206 -11.55 16.35 -21.08
C VAL D 206 -13.01 16.78 -21.06
N ALA D 207 -13.93 15.92 -21.51
CA ALA D 207 -15.34 16.31 -21.55
C ALA D 207 -15.89 16.70 -20.19
N GLN D 208 -15.30 16.22 -19.10
CA GLN D 208 -15.77 16.63 -17.79
C GLN D 208 -15.43 18.07 -17.48
N PHE D 209 -14.45 18.66 -18.17
CA PHE D 209 -13.94 19.97 -17.82
C PHE D 209 -14.21 21.03 -18.89
N VAL D 210 -15.14 20.77 -19.81
CA VAL D 210 -15.30 21.62 -20.98
C VAL D 210 -15.85 23.00 -20.61
N ASN D 211 -16.80 23.05 -19.68
CA ASN D 211 -17.27 24.36 -19.23
C ASN D 211 -16.13 25.17 -18.64
N TRP D 212 -15.34 24.56 -17.76
CA TRP D 212 -14.19 25.29 -17.21
C TRP D 212 -13.24 25.72 -18.32
N ILE D 213 -12.93 24.83 -19.27
CA ILE D 213 -12.00 25.15 -20.35
C ILE D 213 -12.48 26.36 -21.14
N ASP D 214 -13.76 26.36 -21.55
CA ASP D 214 -14.30 27.46 -22.32
C ASP D 214 -14.23 28.76 -21.55
N SER D 215 -14.45 28.69 -20.23
CA SER D 215 -14.41 29.90 -19.41
C SER D 215 -13.00 30.51 -19.39
N ILE D 216 -11.96 29.73 -19.66
CA ILE D 216 -10.60 30.25 -19.66
C ILE D 216 -10.21 30.79 -21.03
N ILE D 217 -10.44 30.02 -22.10
CA ILE D 217 -9.99 30.44 -23.43
C ILE D 217 -10.93 31.43 -24.11
N GLN D 218 -12.13 31.64 -23.56
CA GLN D 218 -13.04 32.61 -24.16
C GLN D 218 -13.44 33.69 -23.16
N ILE E 1 26.43 19.38 13.60
CA ILE E 1 26.11 19.53 15.02
C ILE E 1 25.03 20.60 15.17
N VAL E 2 23.94 20.28 15.85
CA VAL E 2 22.84 21.22 16.06
C VAL E 2 22.91 21.75 17.48
N GLY E 3 22.86 23.07 17.61
CA GLY E 3 22.84 23.69 18.93
C GLY E 3 24.16 23.73 19.66
N GLY E 4 25.28 23.49 18.97
CA GLY E 4 26.60 23.59 19.54
C GLY E 4 27.25 24.92 19.25
N ARG E 5 28.57 24.94 19.33
CA ARG E 5 29.35 26.17 19.21
C ARG E 5 30.62 25.84 18.43
N ARG E 6 31.26 26.89 17.92
CA ARG E 6 32.49 26.68 17.15
C ARG E 6 33.61 26.23 18.08
N ALA E 7 34.33 25.19 17.68
CA ALA E 7 35.45 24.74 18.50
C ALA E 7 36.61 25.72 18.42
N ARG E 8 37.44 25.72 19.45
CA ARG E 8 38.68 26.46 19.36
C ARG E 8 39.55 25.84 18.28
N PRO E 9 40.19 26.65 17.42
CA PRO E 9 41.01 26.09 16.33
C PRO E 9 41.96 24.98 16.78
N HIS E 10 41.81 23.80 16.18
CA HIS E 10 42.69 22.67 16.46
C HIS E 10 42.65 22.26 17.92
N ALA E 11 41.48 22.39 18.55
CA ALA E 11 41.34 21.96 19.93
C ALA E 11 41.27 20.43 20.05
N TRP E 12 40.91 19.75 18.97
CA TRP E 12 40.75 18.30 18.95
C TRP E 12 41.60 17.74 17.80
N PRO E 13 42.93 17.71 17.98
CA PRO E 13 43.82 17.39 16.85
C PRO E 13 43.76 15.95 16.40
N PHE E 14 42.96 15.12 17.05
CA PHE E 14 42.65 13.80 16.52
C PHE E 14 41.46 13.83 15.58
N MET E 15 40.78 14.98 15.44
CA MET E 15 39.55 15.03 14.65
C MET E 15 39.86 14.98 13.16
N VAL E 16 39.15 14.11 12.43
CA VAL E 16 39.43 13.83 11.02
C VAL E 16 38.19 14.12 10.18
N SER E 17 38.38 14.70 8.99
CA SER E 17 37.33 14.85 8.00
C SER E 17 37.56 13.86 6.85
N LEU E 18 36.55 13.01 6.57
CA LEU E 18 36.59 12.11 5.43
C LEU E 18 35.87 12.77 4.26
N GLN E 19 36.49 12.77 3.09
CA GLN E 19 35.93 13.53 2.00
C GLN E 19 35.89 12.71 0.72
N LEU E 20 34.89 13.02 -0.10
CA LEU E 20 34.67 12.42 -1.40
C LEU E 20 34.37 13.54 -2.37
N ARG E 21 35.03 13.53 -3.52
CA ARG E 21 34.83 14.56 -4.54
C ARG E 21 35.00 15.96 -3.96
N GLY E 22 35.87 16.08 -2.97
CA GLY E 22 36.17 17.38 -2.39
C GLY E 22 35.26 17.82 -1.28
N GLY E 23 34.35 16.99 -0.83
CA GLY E 23 33.36 17.40 0.16
C GLY E 23 33.35 16.45 1.34
N HIS E 24 33.29 17.03 2.53
CA HIS E 24 33.12 16.29 3.76
C HIS E 24 31.83 15.46 3.73
N PHE E 25 31.90 14.16 4.03
CA PHE E 25 30.70 13.36 4.20
C PHE E 25 30.61 12.65 5.53
N CYS E 26 31.74 12.42 6.22
CA CYS E 26 31.80 11.75 7.50
C CYS E 26 33.02 12.26 8.28
N GLY E 27 32.92 12.19 9.61
CA GLY E 27 34.06 12.39 10.47
C GLY E 27 34.75 11.06 10.79
N ALA E 28 35.86 11.17 11.52
CA ALA E 28 36.67 10.01 11.92
C ALA E 28 37.66 10.48 13.00
N THR E 29 38.47 9.54 13.49
CA THR E 29 39.38 9.78 14.61
C THR E 29 40.73 9.14 14.32
N LEU E 30 41.81 9.89 14.46
CA LEU E 30 43.15 9.34 14.29
C LEU E 30 43.54 8.57 15.55
N ILE E 31 43.76 7.26 15.42
CA ILE E 31 44.06 6.39 16.56
C ILE E 31 45.47 5.84 16.51
N ALA E 32 46.22 6.14 15.45
CA ALA E 32 47.63 5.84 15.29
C ALA E 32 48.13 6.69 14.13
N PRO E 33 49.43 6.90 14.02
CA PRO E 33 49.91 7.70 12.88
C PRO E 33 49.41 7.23 11.51
N ASN E 34 49.11 5.94 11.32
CA ASN E 34 48.64 5.45 10.03
C ASN E 34 47.30 4.72 10.12
N PHE E 35 46.49 4.98 11.14
CA PHE E 35 45.16 4.38 11.23
C PHE E 35 44.16 5.43 11.70
N VAL E 36 43.00 5.50 11.04
CA VAL E 36 41.88 6.27 11.56
C VAL E 36 40.69 5.33 11.77
N MET E 37 39.78 5.78 12.61
CA MET E 37 38.65 5.01 13.10
C MET E 37 37.38 5.78 12.77
N SER E 38 36.36 5.10 12.24
CA SER E 38 35.14 5.79 11.83
C SER E 38 33.98 4.79 11.93
N ALA E 39 32.82 5.16 11.40
CA ALA E 39 31.68 4.26 11.39
C ALA E 39 31.70 3.40 10.13
N ALA E 40 31.38 2.11 10.30
CA ALA E 40 31.31 1.21 9.15
C ALA E 40 30.36 1.73 8.08
N HIS E 41 29.22 2.33 8.47
CA HIS E 41 28.32 2.77 7.40
C HIS E 41 28.90 3.94 6.59
N CYS E 42 29.98 4.58 7.06
CA CYS E 42 30.58 5.65 6.27
C CYS E 42 31.29 5.11 5.03
N VAL E 43 31.81 3.88 5.07
CA VAL E 43 32.57 3.34 3.94
C VAL E 43 31.91 2.12 3.32
N ALA E 44 30.72 1.73 3.77
CA ALA E 44 30.18 0.43 3.35
C ALA E 44 30.01 0.33 1.85
N ASN E 45 29.48 1.37 1.21
CA ASN E 45 29.26 1.35 -0.24
C ASN E 45 29.83 2.61 -0.88
N VAL E 46 31.13 2.86 -0.64
CA VAL E 46 31.86 3.91 -1.33
C VAL E 46 33.07 3.30 -2.03
N ASN E 47 33.50 3.95 -3.11
CA ASN E 47 34.78 3.58 -3.71
C ASN E 47 35.89 4.03 -2.77
N VAL E 48 36.56 3.07 -2.13
CA VAL E 48 37.51 3.37 -1.07
C VAL E 48 38.73 4.13 -1.61
N ARG E 49 39.08 3.88 -2.87
CA ARG E 49 40.20 4.60 -3.47
C ARG E 49 39.90 6.06 -3.70
N ALA E 50 38.64 6.49 -3.58
CA ALA E 50 38.30 7.89 -3.78
C ALA E 50 38.23 8.67 -2.48
N VAL E 51 38.24 8.00 -1.33
CA VAL E 51 38.13 8.67 -0.04
C VAL E 51 39.43 9.38 0.30
N ARG E 52 39.33 10.63 0.74
CA ARG E 52 40.47 11.36 1.26
C ARG E 52 40.29 11.58 2.75
N VAL E 53 41.37 11.32 3.50
CA VAL E 53 41.41 11.44 4.95
C VAL E 53 42.14 12.74 5.28
N VAL E 54 41.45 13.68 5.92
CA VAL E 54 41.98 15.03 6.11
C VAL E 54 42.21 15.25 7.60
N LEU E 55 43.48 15.41 7.97
CA LEU E 55 43.87 15.66 9.36
C LEU E 55 44.25 17.12 9.51
N GLY E 56 44.08 17.65 10.71
CA GLY E 56 44.59 18.98 11.01
C GLY E 56 43.74 20.11 10.50
N ALA E 57 42.47 19.84 10.19
CA ALA E 57 41.58 20.85 9.62
C ALA E 57 40.82 21.55 10.73
N HIS E 58 40.30 22.74 10.41
CA HIS E 58 39.38 23.41 11.32
C HIS E 58 38.20 24.00 10.55
N ASN E 59 38.51 24.84 9.56
CA ASN E 59 37.52 25.42 8.65
C ASN E 59 37.70 24.74 7.30
N LEU E 60 36.75 23.87 6.96
CA LEU E 60 36.85 23.09 5.74
C LEU E 60 36.73 23.93 4.47
N SER E 61 36.11 25.11 4.56
CA SER E 61 35.88 25.90 3.38
C SER E 61 37.08 26.76 2.98
N ARG E 62 38.24 26.59 3.62
CA ARG E 62 39.42 27.39 3.33
C ARG E 62 40.63 26.48 3.16
N ARG E 63 41.68 27.04 2.56
CA ARG E 63 42.96 26.34 2.44
C ARG E 63 43.73 26.53 3.73
N GLU E 64 44.12 25.42 4.37
CA GLU E 64 44.78 25.43 5.67
C GLU E 64 46.11 24.70 5.56
N PRO E 65 47.24 25.36 5.80
CA PRO E 65 48.53 24.65 5.67
C PRO E 65 48.73 23.57 6.74
N THR E 66 48.04 23.66 7.88
CA THR E 66 48.18 22.67 8.94
C THR E 66 47.62 21.31 8.54
N ARG E 67 47.08 21.20 7.34
CA ARG E 67 46.40 19.96 6.94
C ARG E 67 47.39 18.91 6.46
N GLN E 68 47.10 17.66 6.77
CA GLN E 68 47.77 16.52 6.17
C GLN E 68 46.70 15.63 5.54
N VAL E 69 46.86 15.30 4.27
CA VAL E 69 45.87 14.54 3.52
C VAL E 69 46.45 13.17 3.18
N PHE E 70 45.65 12.12 3.37
CA PHE E 70 46.04 10.75 3.09
C PHE E 70 44.93 10.04 2.34
N ALA E 71 45.31 8.97 1.67
CA ALA E 71 44.37 8.03 1.07
C ALA E 71 44.22 6.80 1.96
N VAL E 72 43.18 6.02 1.68
CA VAL E 72 42.88 4.81 2.43
C VAL E 72 43.52 3.64 1.69
N GLN E 73 44.37 2.92 2.41
CA GLN E 73 45.08 1.78 1.86
C GLN E 73 44.31 0.49 2.07
N ARG E 74 43.61 0.38 3.19
CA ARG E 74 42.92 -0.86 3.54
C ARG E 74 41.89 -0.55 4.62
N ILE E 75 40.77 -1.26 4.59
CA ILE E 75 39.75 -1.07 5.61
C ILE E 75 39.56 -2.37 6.37
N PHE E 76 39.45 -2.25 7.68
CA PHE E 76 39.28 -3.39 8.58
C PHE E 76 37.91 -3.25 9.22
N GLU E 77 37.11 -4.32 9.15
CA GLU E 77 35.74 -4.30 9.65
C GLU E 77 35.58 -5.34 10.75
N ASN E 78 34.51 -5.18 11.53
CA ASN E 78 34.30 -6.03 12.70
C ASN E 78 32.85 -6.49 12.79
N GLY E 79 32.34 -7.10 11.73
CA GLY E 79 30.99 -7.64 11.77
C GLY E 79 29.89 -6.62 11.70
N TYR E 80 30.08 -5.55 10.92
CA TYR E 80 29.05 -4.52 10.80
C TYR E 80 27.73 -5.11 10.29
N ASP E 81 26.64 -4.71 10.92
CA ASP E 81 25.31 -5.19 10.57
C ASP E 81 24.45 -3.99 10.17
N PRO E 82 24.23 -3.76 8.87
CA PRO E 82 23.52 -2.53 8.46
C PRO E 82 22.01 -2.56 8.68
N VAL E 83 21.39 -3.71 8.93
CA VAL E 83 19.95 -3.70 9.19
C VAL E 83 19.65 -3.11 10.56
N ASN E 84 20.32 -3.64 11.60
CA ASN E 84 20.14 -3.19 12.97
C ASN E 84 21.22 -2.23 13.44
N LEU E 85 22.15 -1.85 12.57
CA LEU E 85 23.20 -0.89 12.89
C LEU E 85 24.01 -1.34 14.10
N LEU E 86 24.61 -2.53 13.98
CA LEU E 86 25.42 -3.10 15.04
C LEU E 86 26.87 -3.19 14.59
N ASN E 87 27.79 -3.02 15.55
CA ASN E 87 29.22 -3.09 15.27
C ASN E 87 29.60 -2.10 14.17
N ASP E 88 29.13 -0.87 14.35
CA ASP E 88 29.21 0.18 13.34
C ASP E 88 30.55 0.90 13.48
N ILE E 89 31.61 0.14 13.26
CA ILE E 89 32.96 0.63 13.42
C ILE E 89 33.81 0.11 12.27
N VAL E 90 34.72 0.95 11.81
CA VAL E 90 35.69 0.55 10.79
C VAL E 90 37.01 1.21 11.17
N ILE E 91 38.11 0.54 10.82
CA ILE E 91 39.45 1.10 10.91
C ILE E 91 39.98 1.28 9.49
N LEU E 92 40.48 2.46 9.21
CA LEU E 92 41.04 2.79 7.90
C LEU E 92 42.56 2.90 8.04
N GLN E 93 43.28 2.02 7.36
CA GLN E 93 44.73 2.17 7.30
C GLN E 93 45.09 3.16 6.21
N LEU E 94 45.90 4.15 6.57
CA LEU E 94 46.29 5.20 5.63
C LEU E 94 47.42 4.70 4.74
N ASN E 95 47.65 5.44 3.66
CA ASN E 95 48.76 5.15 2.74
C ASN E 95 50.05 5.81 3.19
N GLY E 96 50.13 6.19 4.45
CA GLY E 96 51.35 6.72 5.02
C GLY E 96 51.11 7.01 6.49
N SER E 97 52.10 7.64 7.11
CA SER E 97 52.05 7.99 8.52
C SER E 97 51.92 9.50 8.66
N ALA E 98 50.97 9.95 9.46
CA ALA E 98 50.86 11.36 9.78
C ALA E 98 52.10 11.85 10.53
N THR E 99 52.51 13.10 10.27
CA THR E 99 53.47 13.77 11.14
C THR E 99 52.73 14.32 12.36
N ILE E 100 53.13 13.88 13.54
CA ILE E 100 52.44 14.27 14.76
C ILE E 100 52.97 15.62 15.22
N ASN E 101 52.07 16.56 15.44
CA ASN E 101 52.45 17.92 15.87
C ASN E 101 51.28 18.48 16.68
N ALA E 102 51.26 19.80 16.86
CA ALA E 102 50.23 20.42 17.68
C ALA E 102 48.84 20.28 17.05
N ASN E 103 48.77 20.21 15.73
CA ASN E 103 47.49 20.17 15.03
C ASN E 103 47.07 18.77 14.59
N VAL E 104 47.94 17.77 14.73
CA VAL E 104 47.62 16.40 14.37
C VAL E 104 48.15 15.51 15.49
N GLN E 105 47.24 14.94 16.29
CA GLN E 105 47.65 14.11 17.41
C GLN E 105 46.82 12.83 17.44
N VAL E 106 47.37 11.83 18.10
CA VAL E 106 46.75 10.52 18.19
C VAL E 106 45.81 10.53 19.39
N ALA E 107 44.58 10.10 19.18
CA ALA E 107 43.64 10.06 20.28
C ALA E 107 43.98 8.92 21.24
N GLN E 108 43.42 9.00 22.44
CA GLN E 108 43.54 7.98 23.46
C GLN E 108 42.22 7.25 23.61
N LEU E 109 42.26 5.95 23.55
CA LEU E 109 41.10 5.09 23.64
C LEU E 109 40.93 4.59 25.06
N PRO E 110 39.71 4.22 25.47
CA PRO E 110 39.53 3.65 26.82
C PRO E 110 40.03 2.22 26.89
N ALA E 111 39.87 1.58 28.04
CA ALA E 111 40.16 0.16 28.19
C ALA E 111 38.96 -0.69 27.78
N GLN E 112 39.24 -1.94 27.41
CA GLN E 112 38.19 -2.82 26.92
C GLN E 112 37.12 -3.04 27.99
N GLY E 113 35.87 -2.80 27.64
CA GLY E 113 34.78 -3.04 28.55
C GLY E 113 34.36 -1.86 29.42
N ARG E 114 35.14 -0.78 29.45
CA ARG E 114 34.73 0.42 30.17
C ARG E 114 33.33 0.84 29.73
N ARG E 115 32.39 0.86 30.66
CA ARG E 115 31.03 1.30 30.37
C ARG E 115 30.74 2.57 31.15
N LEU E 116 30.25 3.59 30.44
CA LEU E 116 29.84 4.84 31.08
C LEU E 116 28.43 4.69 31.63
N GLY E 117 28.23 5.22 32.84
CA GLY E 117 26.91 5.23 33.44
C GLY E 117 26.11 6.45 33.04
N ASN E 118 24.83 6.43 33.41
CA ASN E 118 23.94 7.54 33.13
C ASN E 118 24.42 8.80 33.88
N GLY E 119 24.75 9.85 33.13
CA GLY E 119 25.12 11.12 33.70
C GLY E 119 26.50 11.62 33.34
N VAL E 120 27.35 10.78 32.73
CA VAL E 120 28.70 11.21 32.40
C VAL E 120 28.67 12.33 31.37
N GLN E 121 29.49 13.35 31.60
CA GLN E 121 29.56 14.51 30.72
C GLN E 121 30.59 14.28 29.62
N CYS E 122 30.13 14.32 28.37
CA CYS E 122 30.96 14.09 27.21
C CYS E 122 30.83 15.26 26.24
N LEU E 123 31.69 15.26 25.22
CA LEU E 123 31.68 16.28 24.19
C LEU E 123 31.57 15.59 22.83
N ALA E 124 30.53 15.93 22.07
CA ALA E 124 30.45 15.53 20.67
C ALA E 124 31.02 16.63 19.79
N MET E 125 31.33 16.27 18.55
CA MET E 125 31.93 17.24 17.63
C MET E 125 31.76 16.76 16.20
N GLY E 126 31.87 17.68 15.27
CA GLY E 126 31.87 17.30 13.87
C GLY E 126 31.52 18.45 12.96
N TRP E 127 31.63 18.19 11.66
CA TRP E 127 31.36 19.18 10.63
C TRP E 127 29.98 19.01 10.00
N GLY E 128 29.06 18.37 10.71
CA GLY E 128 27.74 18.10 10.16
C GLY E 128 26.90 19.37 10.01
N LEU E 129 25.69 19.17 9.49
CA LEU E 129 24.78 20.29 9.31
C LEU E 129 24.52 20.99 10.64
N LEU E 130 24.33 22.31 10.55
CA LEU E 130 24.01 23.12 11.73
C LEU E 130 22.55 22.98 12.15
N GLY E 131 21.78 22.16 11.46
CA GLY E 131 20.41 21.88 11.76
C GLY E 131 19.50 22.48 10.73
N ARG E 132 18.34 21.84 10.52
CA ARG E 132 17.34 22.33 9.58
C ARG E 132 17.91 22.50 8.18
N ASN E 133 19.11 21.99 7.94
CA ASN E 133 19.96 22.41 6.83
C ASN E 133 19.91 23.93 6.66
N ARG E 134 19.99 24.65 7.78
CA ARG E 134 20.24 26.08 7.70
C ARG E 134 21.62 26.35 7.12
N GLY E 135 22.47 25.35 7.13
CA GLY E 135 23.79 25.43 6.54
C GLY E 135 24.68 24.34 7.09
N ILE E 136 25.69 24.00 6.30
CA ILE E 136 26.71 23.10 6.81
C ILE E 136 27.66 23.89 7.70
N ALA E 137 28.31 23.19 8.60
CA ALA E 137 29.33 23.80 9.44
C ALA E 137 30.55 24.12 8.60
N SER E 138 30.92 25.39 8.55
CA SER E 138 32.23 25.74 7.99
C SER E 138 33.33 25.28 8.94
N VAL E 139 33.30 25.76 10.17
CA VAL E 139 34.30 25.39 11.16
C VAL E 139 33.74 24.31 12.07
N LEU E 140 34.64 23.47 12.56
CA LEU E 140 34.32 22.38 13.48
C LEU E 140 33.46 22.87 14.64
N GLN E 141 32.38 22.15 14.91
CA GLN E 141 31.44 22.45 15.99
C GLN E 141 31.65 21.47 17.12
N GLU E 142 31.27 21.88 18.34
CA GLU E 142 31.37 20.97 19.48
C GLU E 142 30.17 21.18 20.39
N LEU E 143 29.78 20.13 21.11
CA LEU E 143 28.51 20.11 21.84
C LEU E 143 28.67 19.36 23.14
N ASN E 144 28.19 19.94 24.24
CA ASN E 144 28.16 19.25 25.52
C ASN E 144 26.96 18.30 25.55
N VAL E 145 27.22 17.02 25.83
CA VAL E 145 26.17 16.01 25.89
C VAL E 145 26.37 15.19 27.17
N THR E 146 25.32 14.45 27.55
CA THR E 146 25.37 13.57 28.71
C THR E 146 25.01 12.14 28.30
N VAL E 147 25.73 11.17 28.86
CA VAL E 147 25.43 9.76 28.59
C VAL E 147 24.07 9.42 29.18
N VAL E 148 23.29 8.63 28.44
CA VAL E 148 21.97 8.19 28.87
C VAL E 148 21.83 6.70 28.60
N THR E 149 21.24 5.98 29.56
CA THR E 149 20.94 4.57 29.39
C THR E 149 19.51 4.33 28.93
N SER E 150 18.58 5.21 29.32
CA SER E 150 17.20 5.11 28.84
C SER E 150 17.13 5.32 27.34
N LEU E 151 16.25 4.56 26.69
CA LEU E 151 16.11 4.56 25.22
C LEU E 151 17.43 4.23 24.52
N CYS E 152 18.15 3.24 25.03
CA CYS E 152 19.46 2.95 24.48
C CYS E 152 19.76 1.47 24.63
N ARG E 153 20.28 0.88 23.56
CA ARG E 153 20.69 -0.52 23.60
C ARG E 153 22.01 -0.63 24.34
N ARG E 154 22.20 -1.75 25.05
CA ARG E 154 23.50 -1.96 25.68
C ARG E 154 24.61 -2.09 24.66
N SER E 155 24.27 -2.35 23.40
CA SER E 155 25.21 -2.41 22.30
C SER E 155 25.59 -1.03 21.76
N ASN E 156 25.15 0.04 22.42
CA ASN E 156 25.48 1.41 22.05
C ASN E 156 25.85 2.21 23.29
N VAL E 157 26.54 3.33 23.07
CA VAL E 157 26.60 4.44 24.02
C VAL E 157 25.73 5.55 23.45
N CYS E 158 24.77 6.02 24.23
CA CYS E 158 23.84 7.05 23.78
C CYS E 158 23.97 8.29 24.63
N THR E 159 23.78 9.43 23.98
CA THR E 159 23.89 10.73 24.62
C THR E 159 22.66 11.56 24.30
N LEU E 160 22.47 12.60 25.10
CA LEU E 160 21.25 13.40 25.04
C LEU E 160 21.56 14.77 25.61
N VAL E 161 20.96 15.80 25.01
CA VAL E 161 21.03 17.17 25.51
C VAL E 161 19.63 17.50 26.00
N ARG E 162 19.46 17.53 27.32
CA ARG E 162 18.15 17.81 27.90
C ARG E 162 17.90 19.30 27.93
N GLY E 163 16.65 19.69 27.70
CA GLY E 163 16.20 21.07 27.83
C GLY E 163 16.09 21.84 26.53
N ARG E 164 16.71 21.35 25.47
CA ARG E 164 16.64 22.02 24.18
C ARG E 164 16.92 21.00 23.10
N GLN E 165 16.48 21.30 21.89
CA GLN E 165 16.66 20.41 20.75
C GLN E 165 18.08 20.55 20.24
N ALA E 166 18.91 19.53 20.51
CA ALA E 166 20.32 19.60 20.12
C ALA E 166 20.88 18.19 20.00
N GLY E 167 21.89 18.04 19.16
CA GLY E 167 22.53 16.76 18.93
C GLY E 167 23.28 16.76 17.61
N VAL E 168 23.67 15.55 17.18
CA VAL E 168 24.42 15.41 15.93
C VAL E 168 23.46 15.47 14.75
N CYS E 169 24.02 15.72 13.56
CA CYS E 169 23.24 15.83 12.35
C CYS E 169 24.08 15.37 11.16
N PHE E 170 23.47 15.43 9.97
CA PHE E 170 24.07 14.81 8.80
C PHE E 170 25.45 15.37 8.50
N GLY E 171 26.42 14.47 8.37
CA GLY E 171 27.82 14.81 8.27
C GLY E 171 28.58 14.54 9.54
N ASP E 172 27.89 14.26 10.65
CA ASP E 172 28.56 13.96 11.90
C ASP E 172 28.88 12.49 12.08
N SER E 173 28.20 11.60 11.36
CA SER E 173 28.47 10.19 11.61
C SER E 173 29.96 9.90 11.43
N GLY E 174 30.46 8.93 12.20
CA GLY E 174 31.87 8.62 12.24
C GLY E 174 32.70 9.52 13.14
N SER E 175 32.12 10.58 13.70
CA SER E 175 32.87 11.51 14.54
C SER E 175 32.99 10.97 15.96
N PRO E 176 34.02 11.38 16.70
CA PRO E 176 34.23 10.83 18.03
C PRO E 176 33.38 11.50 19.07
N LEU E 177 32.97 10.71 20.06
CA LEU E 177 32.42 11.19 21.32
C LEU E 177 33.52 11.09 22.38
N VAL E 178 33.79 12.20 23.06
CA VAL E 178 34.95 12.35 23.94
C VAL E 178 34.49 12.51 25.37
N CYS E 179 34.86 11.56 26.22
CA CYS E 179 34.48 11.59 27.63
C CYS E 179 35.73 11.43 28.47
N ASN E 180 36.02 12.43 29.30
CA ASN E 180 37.15 12.38 30.22
C ASN E 180 38.46 12.13 29.47
N GLY E 181 38.63 12.80 28.33
CA GLY E 181 39.83 12.66 27.55
C GLY E 181 39.94 11.41 26.69
N LEU E 182 38.97 10.50 26.73
CA LEU E 182 39.03 9.26 25.99
C LEU E 182 37.90 9.19 24.97
N ILE E 183 38.15 8.51 23.85
CA ILE E 183 37.17 8.38 22.75
C ILE E 183 36.28 7.17 23.04
N HIS E 184 35.08 7.42 23.55
CA HIS E 184 34.18 6.34 23.94
C HIS E 184 33.13 6.00 22.89
N GLY E 185 32.95 6.84 21.87
CA GLY E 185 31.89 6.62 20.90
C GLY E 185 32.27 7.06 19.51
N ILE E 186 31.61 6.45 18.53
CA ILE E 186 31.67 6.82 17.12
C ILE E 186 30.24 7.06 16.64
N ALA E 187 29.94 8.30 16.22
CA ALA E 187 28.56 8.67 15.87
C ALA E 187 27.96 7.73 14.83
N SER E 188 26.82 7.12 15.18
CA SER E 188 26.27 6.03 14.39
C SER E 188 24.87 6.31 13.87
N PHE E 189 23.91 6.63 14.72
CA PHE E 189 22.59 6.90 14.19
C PHE E 189 21.82 7.79 15.14
N VAL E 190 20.87 8.52 14.57
CA VAL E 190 19.94 9.37 15.29
C VAL E 190 18.54 8.79 15.11
N ARG E 191 17.63 9.19 15.99
CA ARG E 191 16.25 8.74 15.97
C ARG E 191 15.34 9.96 15.99
N GLY E 192 14.26 9.89 15.21
CA GLY E 192 13.34 11.01 15.14
C GLY E 192 13.91 12.25 14.48
N GLY E 193 14.82 12.08 13.52
CA GLY E 193 15.45 13.22 12.90
C GLY E 193 16.47 13.86 13.82
N CYS E 194 17.30 14.75 13.29
CA CYS E 194 18.34 15.36 14.10
C CYS E 194 17.73 16.19 15.23
N ALA E 195 18.33 16.10 16.42
CA ALA E 195 17.98 16.97 17.54
C ALA E 195 16.47 16.96 17.80
N SER E 196 15.94 15.76 18.01
CA SER E 196 14.51 15.61 18.29
C SER E 196 14.15 16.10 19.68
N GLY E 197 15.13 16.20 20.58
CA GLY E 197 14.90 16.55 21.96
C GLY E 197 14.36 15.43 22.82
N LEU E 198 14.03 14.27 22.24
CA LEU E 198 13.44 13.19 23.03
C LEU E 198 13.98 11.81 22.69
N TYR E 199 14.84 11.68 21.69
CA TYR E 199 15.51 10.41 21.43
C TYR E 199 17.01 10.62 21.48
N PRO E 200 17.75 9.89 22.31
CA PRO E 200 19.21 10.10 22.38
C PRO E 200 19.91 9.76 21.08
N ASP E 201 21.08 10.34 20.88
CA ASP E 201 21.94 9.97 19.76
C ASP E 201 22.74 8.72 20.13
N ALA E 202 22.88 7.81 19.17
CA ALA E 202 23.51 6.52 19.43
C ALA E 202 24.88 6.48 18.79
N PHE E 203 25.90 6.11 19.58
CA PHE E 203 27.27 5.97 19.13
C PHE E 203 27.68 4.51 19.20
N ALA E 204 28.53 4.09 18.24
CA ALA E 204 29.15 2.78 18.37
C ALA E 204 30.07 2.79 19.58
N PRO E 205 29.99 1.79 20.46
CA PRO E 205 30.71 1.88 21.75
C PRO E 205 32.16 1.43 21.67
N VAL E 206 33.07 2.40 21.49
CA VAL E 206 34.50 2.10 21.27
C VAL E 206 35.03 1.11 22.30
N ALA E 207 34.68 1.29 23.57
CA ALA E 207 35.28 0.47 24.61
C ALA E 207 35.00 -1.01 24.40
N GLN E 208 33.96 -1.36 23.67
CA GLN E 208 33.67 -2.77 23.44
C GLN E 208 34.55 -3.38 22.35
N PHE E 209 35.25 -2.57 21.56
CA PHE E 209 36.05 -3.07 20.45
C PHE E 209 37.54 -2.85 20.64
N VAL E 210 37.97 -2.48 21.85
CA VAL E 210 39.38 -2.13 22.07
C VAL E 210 40.30 -3.29 21.71
N ASN E 211 39.98 -4.49 22.18
CA ASN E 211 40.85 -5.62 21.89
C ASN E 211 40.93 -5.89 20.39
N TRP E 212 39.84 -5.65 19.67
CA TRP E 212 39.89 -5.78 18.21
C TRP E 212 40.71 -4.65 17.59
N ILE E 213 40.48 -3.41 18.04
CA ILE E 213 41.28 -2.28 17.58
C ILE E 213 42.76 -2.56 17.79
N ASP E 214 43.11 -2.97 19.01
CA ASP E 214 44.51 -3.24 19.33
C ASP E 214 45.10 -4.27 18.37
N SER E 215 44.37 -5.37 18.14
CA SER E 215 44.89 -6.41 17.26
C SER E 215 45.20 -5.87 15.87
N ILE E 216 44.44 -4.87 15.42
CA ILE E 216 44.64 -4.30 14.09
C ILE E 216 45.83 -3.35 14.06
N ILE E 217 45.92 -2.46 15.04
CA ILE E 217 46.91 -1.38 14.99
C ILE E 217 48.15 -1.80 15.77
N GLN E 218 48.23 -3.08 16.12
CA GLN E 218 49.33 -3.73 16.84
C GLN E 218 49.88 -2.89 17.98
N THR F 3 27.52 13.49 -14.84
CA THR F 3 26.58 13.03 -13.82
C THR F 3 26.24 14.14 -12.81
N ARG F 4 25.06 14.01 -12.18
CA ARG F 4 24.63 14.86 -11.08
C ARG F 4 24.60 14.04 -9.80
N TYR F 5 24.86 14.70 -8.68
CA TYR F 5 24.92 14.07 -7.37
C TYR F 5 23.83 14.69 -6.50
N VAL F 6 22.80 13.92 -6.18
CA VAL F 6 21.63 14.42 -5.48
C VAL F 6 21.73 14.03 -4.02
N PRO F 7 21.68 14.99 -3.09
CA PRO F 7 21.72 14.62 -1.67
C PRO F 7 20.48 13.83 -1.28
N TYR F 8 20.69 12.79 -0.46
CA TYR F 8 19.56 12.01 0.06
C TYR F 8 19.82 11.66 1.52
N THR F 9 18.74 11.36 2.25
CA THR F 9 18.80 10.80 3.59
C THR F 9 17.84 9.61 3.63
N ILE F 10 18.08 8.70 4.57
CA ILE F 10 17.23 7.52 4.76
C ILE F 10 16.84 7.42 6.22
N ALA F 11 15.52 7.33 6.48
CA ALA F 11 14.99 6.92 7.77
C ALA F 11 14.25 5.58 7.62
N VAL F 12 14.61 4.63 8.47
CA VAL F 12 13.98 3.32 8.54
C VAL F 12 13.52 3.13 9.97
N ASN F 13 12.20 3.00 10.15
CA ASN F 13 11.62 2.89 11.48
C ASN F 13 12.13 4.00 12.39
N GLY F 14 12.23 5.21 11.83
CA GLY F 14 12.61 6.36 12.60
C GLY F 14 14.10 6.54 12.85
N THR F 15 14.96 5.61 12.42
CA THR F 15 16.40 5.74 12.66
C THR F 15 17.12 6.13 11.36
N SER F 16 18.08 7.04 11.48
CA SER F 16 18.85 7.55 10.33
C SER F 16 20.34 7.61 10.67
N THR F 17 21.17 7.16 9.73
CA THR F 17 22.61 7.42 9.84
C THR F 17 22.88 8.85 9.42
N PRO F 18 23.47 9.68 10.27
CA PRO F 18 23.72 11.09 9.92
C PRO F 18 24.96 11.29 9.03
N ILE F 19 24.90 10.72 7.82
CA ILE F 19 25.96 10.81 6.82
C ILE F 19 25.49 11.73 5.69
N LEU F 20 26.43 12.42 5.03
CA LEU F 20 26.07 13.20 3.83
C LEU F 20 26.29 12.32 2.60
N SER F 21 25.21 11.78 2.08
CA SER F 21 25.20 10.84 0.97
C SER F 21 24.53 11.45 -0.24
N LYS F 22 24.91 10.95 -1.42
CA LYS F 22 24.44 11.48 -2.69
C LYS F 22 24.14 10.33 -3.64
N LEU F 23 23.04 10.46 -4.37
CA LEU F 23 22.69 9.57 -5.47
C LEU F 23 23.41 10.00 -6.73
N LYS F 24 23.75 9.02 -7.58
CA LYS F 24 24.47 9.29 -8.82
C LYS F 24 23.49 9.15 -9.98
N ILE F 25 23.19 10.28 -10.63
CA ILE F 25 22.29 10.34 -11.78
C ILE F 25 23.08 10.79 -12.98
N SER F 26 22.87 10.14 -14.12
CA SER F 26 23.48 10.62 -15.35
C SER F 26 22.80 11.93 -15.77
N ASN F 27 23.59 13.00 -15.88
CA ASN F 27 23.09 14.32 -16.27
C ASN F 27 22.56 14.36 -17.70
N LYS F 28 22.75 13.27 -18.46
CA LYS F 28 22.58 13.32 -19.91
C LYS F 28 21.18 13.75 -20.32
N GLN F 29 20.15 13.25 -19.63
CA GLN F 29 18.78 13.44 -20.09
C GLN F 29 17.84 13.63 -18.91
N LEU F 30 16.59 13.90 -19.25
CA LEU F 30 15.51 13.97 -18.29
C LEU F 30 15.16 12.58 -17.78
N ILE F 31 14.70 12.51 -16.53
CA ILE F 31 14.43 11.24 -15.87
C ILE F 31 12.94 11.14 -15.51
N SER F 32 12.53 9.93 -15.17
CA SER F 32 11.18 9.61 -14.73
C SER F 32 11.18 9.22 -13.26
N TYR F 33 9.99 9.14 -12.68
CA TYR F 33 9.88 8.65 -11.31
C TYR F 33 10.10 7.15 -11.24
N LYS F 34 9.90 6.42 -12.34
CA LYS F 34 10.30 5.04 -12.36
C LYS F 34 11.81 4.92 -12.27
N TYR F 35 12.53 5.80 -12.96
CA TYR F 35 13.99 5.85 -12.81
C TYR F 35 14.36 6.13 -11.35
N LEU F 36 13.79 7.18 -10.77
CA LEU F 36 14.15 7.54 -9.40
C LEU F 36 13.80 6.42 -8.42
N ASN F 37 12.66 5.74 -8.63
CA ASN F 37 12.31 4.64 -7.74
C ASN F 37 13.42 3.60 -7.69
N ASP F 38 13.97 3.24 -8.86
CA ASP F 38 15.07 2.27 -8.91
C ASP F 38 16.27 2.76 -8.10
N LYS F 39 16.64 4.02 -8.31
CA LYS F 39 17.75 4.62 -7.57
C LYS F 39 17.49 4.58 -6.07
N VAL F 40 16.28 4.95 -5.66
CA VAL F 40 15.94 5.02 -4.25
C VAL F 40 15.96 3.61 -3.65
N LYS F 41 15.41 2.62 -4.35
CA LYS F 41 15.43 1.28 -3.80
C LYS F 41 16.85 0.71 -3.78
N SER F 42 17.70 1.11 -4.72
CA SER F 42 19.08 0.62 -4.71
C SER F 42 19.78 1.02 -3.42
N VAL F 43 19.59 2.28 -2.97
CA VAL F 43 20.32 2.66 -1.75
C VAL F 43 19.62 2.15 -0.50
N LEU F 44 18.28 1.99 -0.51
CA LEU F 44 17.63 1.33 0.62
C LEU F 44 18.25 -0.04 0.84
N LYS F 45 18.49 -0.77 -0.24
CA LYS F 45 19.06 -2.11 -0.13
C LYS F 45 20.52 -2.04 0.29
N SER F 46 21.32 -1.21 -0.39
CA SER F 46 22.75 -1.25 -0.11
C SER F 46 23.10 -0.63 1.24
N GLU F 47 22.38 0.42 1.66
CA GLU F 47 22.76 1.12 2.90
C GLU F 47 22.06 0.58 4.15
N ARG F 48 20.79 0.14 4.05
CA ARG F 48 20.10 -0.38 5.23
C ARG F 48 19.59 -1.81 5.05
N GLY F 49 19.95 -2.50 3.98
CA GLY F 49 19.53 -3.89 3.85
C GLY F 49 18.03 -4.08 3.68
N ILE F 50 17.34 -3.09 3.12
CA ILE F 50 15.90 -3.16 2.89
C ILE F 50 15.69 -3.55 1.44
N SER F 51 15.19 -4.76 1.20
CA SER F 51 15.04 -5.27 -0.15
C SER F 51 13.67 -4.88 -0.73
N ASP F 52 13.49 -5.17 -2.02
CA ASP F 52 12.19 -4.98 -2.64
C ASP F 52 11.09 -5.75 -1.90
N LEU F 53 11.35 -7.01 -1.52
CA LEU F 53 10.33 -7.77 -0.80
C LEU F 53 10.09 -7.20 0.60
N ASP F 54 11.14 -6.72 1.28
CA ASP F 54 10.94 -6.04 2.57
C ASP F 54 9.93 -4.90 2.44
N LEU F 55 9.95 -4.19 1.31
CA LEU F 55 9.06 -3.03 1.15
C LEU F 55 7.60 -3.47 1.01
N LYS F 56 7.36 -4.68 0.52
CA LYS F 56 5.99 -5.18 0.40
C LYS F 56 5.33 -5.33 1.76
N PHE F 57 6.12 -5.60 2.79
CA PHE F 57 5.64 -5.77 4.13
C PHE F 57 5.72 -4.51 4.99
N ALA F 58 6.45 -3.50 4.55
CA ALA F 58 6.49 -2.26 5.29
C ALA F 58 5.13 -1.57 5.21
N LYS F 59 4.70 -1.01 6.33
CA LYS F 59 3.41 -0.34 6.37
C LYS F 59 3.42 0.89 5.47
N GLN F 60 4.51 1.64 5.48
CA GLN F 60 4.64 2.84 4.65
C GLN F 60 6.04 2.85 4.08
N ALA F 61 6.15 3.24 2.82
CA ALA F 61 7.46 3.37 2.20
C ALA F 61 7.34 4.42 1.12
N LYS F 62 8.07 5.52 1.28
CA LYS F 62 7.92 6.66 0.39
C LYS F 62 9.22 7.42 0.34
N TYR F 63 9.34 8.29 -0.67
CA TYR F 63 10.34 9.34 -0.63
C TYR F 63 9.73 10.65 -1.09
N THR F 64 10.28 11.75 -0.61
CA THR F 64 9.85 13.09 -0.99
C THR F 64 10.96 13.74 -1.81
N VAL F 65 10.63 14.19 -3.01
CA VAL F 65 11.59 14.92 -3.84
C VAL F 65 11.39 16.39 -3.57
N TYR F 66 12.41 17.06 -3.01
CA TYR F 66 12.38 18.51 -2.83
C TYR F 66 13.03 19.18 -4.03
N PHE F 67 12.32 20.07 -4.70
CA PHE F 67 12.88 20.75 -5.85
C PHE F 67 13.47 22.08 -5.40
N LYS F 68 14.36 22.64 -6.24
CA LYS F 68 15.03 23.89 -5.88
C LYS F 68 14.09 25.07 -5.80
N ASN F 69 12.94 25.04 -6.49
CA ASN F 69 12.02 26.16 -6.41
C ASN F 69 11.11 26.10 -5.19
N GLY F 70 11.24 25.08 -4.34
CA GLY F 70 10.43 24.98 -3.14
C GLY F 70 9.27 24.00 -3.24
N LYS F 71 8.94 23.53 -4.44
CA LYS F 71 7.92 22.49 -4.57
C LYS F 71 8.46 21.14 -4.10
N LYS F 72 7.54 20.23 -3.77
CA LYS F 72 7.88 18.85 -3.42
C LYS F 72 6.94 17.88 -4.11
N GLN F 73 7.42 16.65 -4.29
CA GLN F 73 6.63 15.54 -4.81
C GLN F 73 6.85 14.34 -3.91
N VAL F 74 5.79 13.85 -3.29
CA VAL F 74 5.84 12.62 -2.50
C VAL F 74 5.61 11.45 -3.44
N VAL F 75 6.51 10.47 -3.41
CA VAL F 75 6.37 9.27 -4.22
C VAL F 75 6.17 8.10 -3.29
N ASN F 76 5.13 7.30 -3.56
CA ASN F 76 4.78 6.12 -2.77
C ASN F 76 5.49 4.93 -3.39
N LEU F 77 6.49 4.39 -2.68
CA LEU F 77 7.24 3.22 -3.12
C LEU F 77 6.39 1.97 -3.18
N LYS F 78 5.24 1.94 -2.51
CA LYS F 78 4.37 0.77 -2.54
C LYS F 78 3.32 0.82 -3.65
N SER F 79 3.41 1.79 -4.55
CA SER F 79 2.44 1.96 -5.63
C SER F 79 3.10 1.68 -6.98
N ASP F 80 2.40 0.94 -7.84
CA ASP F 80 2.85 0.78 -9.21
C ASP F 80 2.07 1.68 -10.18
N ILE F 81 1.54 2.78 -9.67
CA ILE F 81 0.91 3.80 -10.51
C ILE F 81 1.92 4.91 -10.74
N PHE F 82 2.18 5.22 -12.01
CA PHE F 82 3.18 6.23 -12.37
C PHE F 82 2.56 7.24 -13.31
N THR F 83 2.94 8.50 -13.12
CA THR F 83 2.63 9.52 -14.12
C THR F 83 3.71 9.50 -15.18
N PRO F 84 3.36 9.38 -16.45
CA PRO F 84 4.40 9.15 -17.49
C PRO F 84 5.02 10.45 -17.99
N ASN F 85 5.54 11.24 -17.06
CA ASN F 85 6.19 12.50 -17.36
C ASN F 85 7.69 12.38 -17.12
N LEU F 86 8.43 13.33 -17.69
CA LEU F 86 9.86 13.45 -17.43
C LEU F 86 10.09 14.77 -16.71
N PHE F 87 11.20 14.85 -15.96
CA PHE F 87 11.61 16.07 -15.29
C PHE F 87 13.15 16.08 -15.24
N SER F 88 13.73 17.20 -14.85
CA SER F 88 15.18 17.33 -14.92
C SER F 88 15.82 17.06 -13.56
N ALA F 89 16.88 16.24 -13.56
CA ALA F 89 17.60 15.94 -12.34
C ALA F 89 18.22 17.20 -11.73
N LYS F 90 18.62 18.14 -12.58
CA LYS F 90 19.23 19.38 -12.11
C LYS F 90 18.31 20.17 -11.19
N ASP F 91 16.99 20.01 -11.34
CA ASP F 91 16.07 20.78 -10.50
C ASP F 91 15.87 20.20 -9.11
N ILE F 92 16.49 19.06 -8.77
CA ILE F 92 16.25 18.43 -7.49
C ILE F 92 17.20 19.00 -6.45
N LYS F 93 16.63 19.39 -5.31
CA LYS F 93 17.45 19.87 -4.20
C LYS F 93 17.89 18.73 -3.29
N LYS F 94 16.96 17.86 -2.87
CA LYS F 94 17.30 16.73 -2.02
C LYS F 94 16.16 15.73 -2.06
N ILE F 95 16.46 14.49 -1.65
CA ILE F 95 15.45 13.44 -1.54
C ILE F 95 15.49 12.89 -0.12
N ASP F 96 14.35 12.92 0.56
CA ASP F 96 14.20 12.29 1.88
C ASP F 96 13.45 10.97 1.72
N ILE F 97 14.10 9.86 2.09
CA ILE F 97 13.53 8.52 1.99
C ILE F 97 13.07 8.08 3.37
N ASP F 98 11.87 7.49 3.46
CA ASP F 98 11.29 7.14 4.76
C ASP F 98 10.49 5.86 4.67
N VAL F 99 10.88 4.88 5.48
CA VAL F 99 10.25 3.56 5.50
C VAL F 99 9.84 3.24 6.93
N LYS F 100 8.66 2.67 7.08
CA LYS F 100 8.08 2.38 8.38
C LYS F 100 7.19 1.16 8.33
C1 NAG G . -5.60 -40.11 17.84
C2 NAG G . -6.08 -41.46 18.35
C3 NAG G . -6.74 -42.26 17.23
C4 NAG G . -7.84 -41.46 16.56
C5 NAG G . -7.39 -40.04 16.18
C6 NAG G . -8.57 -39.15 15.91
C7 NAG G . -4.73 -42.29 20.23
C8 NAG G . -3.53 -43.09 20.64
N2 NAG G . -4.96 -42.20 18.92
O3 NAG G . -7.29 -43.45 17.77
O4 NAG G . -8.23 -42.12 15.36
O5 NAG G . -6.69 -39.41 17.27
O6 NAG G . -9.14 -39.35 14.61
O7 NAG G . -5.47 -41.76 21.05
C1 NAG G . -9.59 -42.57 15.50
C2 NAG G . -10.09 -43.09 14.15
C3 NAG G . -11.50 -43.67 14.28
C4 NAG G . -11.57 -44.69 15.41
C5 NAG G . -11.01 -44.10 16.70
C6 NAG G . -10.94 -45.10 17.83
C7 NAG G . -9.23 -41.99 12.11
C8 NAG G . -9.42 -40.85 11.17
N2 NAG G . -10.09 -42.04 13.14
O3 NAG G . -11.83 -44.26 13.02
O4 NAG G . -12.92 -45.07 15.64
O5 NAG G . -9.68 -43.62 16.48
O6 NAG G . -9.98 -46.13 17.54
O7 NAG G . -8.34 -42.82 11.97
C1 BMA G . -13.38 -46.10 14.73
C2 BMA G . -14.38 -47.00 15.50
C3 BMA G . -15.31 -47.79 14.53
C4 BMA G . -15.78 -46.94 13.31
C5 BMA G . -14.55 -46.35 12.61
C6 BMA G . -14.86 -45.55 11.33
O2 BMA G . -15.21 -46.23 16.36
O3 BMA G . -16.41 -48.37 15.22
O4 BMA G . -16.57 -47.72 12.41
O5 BMA G . -13.93 -45.47 13.56
O6 BMA G . -15.68 -44.41 11.67
C1 FUC G . -10.22 -38.42 14.27
C2 FUC G . -11.48 -38.53 15.31
C3 FUC G . -11.44 -37.47 16.45
C4 FUC G . -11.15 -36.08 15.84
C5 FUC G . -9.78 -36.13 15.24
C6 FUC G . -9.30 -34.80 14.72
O2 FUC G . -11.65 -39.86 15.83
O3 FUC G . -12.69 -37.43 17.16
O4 FUC G . -12.08 -35.81 14.80
O5 FUC G . -9.74 -37.03 14.10
C1 NAG H . 14.79 -32.45 -10.47
C2 NAG H . 16.06 -32.66 -11.27
C3 NAG H . 16.53 -34.09 -11.16
C4 NAG H . 16.69 -34.49 -9.70
C5 NAG H . 15.39 -34.19 -8.95
C6 NAG H . 15.43 -34.49 -7.47
C7 NAG H . 16.16 -31.04 -13.10
C8 NAG H . 15.92 -30.81 -14.57
N2 NAG H . 15.87 -32.27 -12.65
O3 NAG H . 17.76 -34.23 -11.85
O4 NAG H . 16.94 -35.90 -9.61
O5 NAG H . 15.02 -32.82 -9.12
O6 NAG H . 16.66 -34.16 -6.87
O7 NAG H . 16.58 -30.14 -12.36
C1 NAG H . 18.33 -36.22 -9.40
C2 NAG H . 18.41 -37.59 -8.72
C3 NAG H . 19.86 -38.06 -8.60
C4 NAG H . 20.56 -38.02 -9.96
C5 NAG H . 20.43 -36.61 -10.53
C6 NAG H . 21.03 -36.47 -11.91
C7 NAG H . 16.56 -37.99 -7.17
C8 NAG H . 16.09 -37.89 -5.74
N2 NAG H . 17.79 -37.56 -7.40
O3 NAG H . 19.90 -39.39 -8.09
O4 NAG H . 21.92 -38.39 -9.80
O5 NAG H . 19.05 -36.26 -10.65
O6 NAG H . 21.08 -37.71 -12.59
O7 NAG H . 15.83 -38.41 -8.06
C1 FUC H . 16.53 -32.91 -6.22
C2 FUC H . 16.27 -33.11 -4.64
C3 FUC H . 17.53 -33.25 -3.86
C4 FUC H . 18.52 -32.18 -4.31
C5 FUC H . 18.86 -32.42 -5.80
C6 FUC H . 19.90 -31.45 -6.33
O2 FUC H . 15.46 -34.24 -4.35
O3 FUC H . 17.24 -33.03 -2.49
O4 FUC H . 17.92 -30.89 -4.11
O5 FUC H . 17.70 -32.15 -6.55
C1 NAG I . -48.24 -10.75 -5.78
C2 NAG I . -49.28 -11.80 -6.21
C3 NAG I . -49.57 -12.78 -5.07
C4 NAG I . -48.26 -13.38 -4.53
C5 NAG I . -47.31 -12.25 -4.15
C6 NAG I . -45.95 -12.74 -3.69
C7 NAG I . -50.78 -10.89 -7.93
C8 NAG I . -52.09 -10.23 -8.21
N2 NAG I . -50.51 -11.16 -6.65
O3 NAG I . -50.42 -13.81 -5.55
O4 NAG I . -48.53 -14.19 -3.40
O5 NAG I . -47.07 -11.40 -5.28
O6 NAG I . -45.69 -14.07 -4.13
O7 NAG I . -49.99 -11.18 -8.84
C1 NAG I . -48.47 -15.61 -3.70
C2 NAG I . -48.33 -16.37 -2.38
C3 NAG I . -48.41 -17.89 -2.61
C4 NAG I . -49.66 -18.25 -3.40
C5 NAG I . -49.69 -17.45 -4.69
C6 NAG I . -50.96 -17.69 -5.48
C7 NAG I . -47.01 -15.21 -0.67
C8 NAG I . -45.63 -14.97 -0.12
N2 NAG I . -47.08 -16.02 -1.73
O3 NAG I . -48.41 -18.54 -1.35
O4 NAG I . -49.65 -19.64 -3.70
O5 NAG I . -49.65 -16.05 -4.39
O6 NAG I . -52.08 -17.08 -4.86
O7 NAG I . -48.00 -14.68 -0.18
C1 FUC I . -44.53 -14.13 -4.99
C2 FUC I . -44.37 -15.58 -5.34
C3 FUC I . -45.68 -16.01 -6.04
C4 FUC I . -45.74 -15.27 -7.40
C5 FUC I . -45.75 -13.75 -7.13
C6 FUC I . -45.59 -12.88 -8.38
O2 FUC I . -44.07 -16.40 -4.22
O3 FUC I . -45.79 -17.43 -6.22
O4 FUC I . -44.61 -15.62 -8.21
O5 FUC I . -44.69 -13.34 -6.17
C1 NAG J . -40.40 9.71 22.80
C2 NAG J . -40.78 10.93 23.63
C3 NAG J . -42.28 10.91 23.98
C4 NAG J . -43.13 10.68 22.74
C5 NAG J . -42.64 9.46 21.99
C6 NAG J . -43.38 9.17 20.70
C7 NAG J . -38.78 11.62 24.91
C8 NAG J . -38.12 11.62 26.26
N2 NAG J . -39.98 11.02 24.85
O3 NAG J . -42.59 12.15 24.60
O4 NAG J . -44.49 10.49 23.09
O5 NAG J . -41.25 9.62 21.65
O6 NAG J . -43.88 10.33 20.07
O7 NAG J . -38.24 12.11 23.92
C1 NAG J . -45.30 11.64 22.75
C2 NAG J . -46.78 11.22 22.58
C3 NAG J . -47.68 12.45 22.39
C4 NAG J . -47.39 13.52 23.45
C5 NAG J . -45.91 13.83 23.47
C6 NAG J . -45.51 14.85 24.51
C7 NAG J . -46.98 8.99 21.58
C8 NAG J . -47.18 8.20 20.31
N2 NAG J . -46.95 10.32 21.45
O3 NAG J . -49.03 12.01 22.47
O4 NAG J . -48.12 14.71 23.18
O5 NAG J . -45.18 12.62 23.76
O6 NAG J . -45.88 14.43 25.81
O7 NAG J . -46.86 8.44 22.66
C1 BMA J . -49.39 14.70 23.90
C2 BMA J . -49.67 16.09 24.53
C3 BMA J . -51.10 16.14 25.15
C4 BMA J . -52.11 14.94 24.80
C5 BMA J . -51.60 13.88 23.75
C6 BMA J . -52.67 13.50 22.72
O2 BMA J . -49.57 17.14 23.57
O3 BMA J . -51.72 17.40 24.88
O4 BMA J . -52.50 14.27 26.00
O5 BMA J . -50.48 14.38 23.04
O6 BMA J . -52.19 12.40 21.94
C1 FUC J . -42.95 10.73 19.06
C2 FUC J . -43.56 10.54 17.57
C3 FUC J . -44.16 11.77 16.93
C4 FUC J . -43.48 13.05 17.37
C5 FUC J . -43.37 13.09 18.89
C6 FUC J . -42.69 14.37 19.39
O2 FUC J . -44.50 9.50 17.51
O3 FUC J . -43.96 11.69 15.51
O4 FUC J . -42.18 13.10 16.78
O5 FUC J . -42.56 12.04 19.36
C1 NAG K . 7.33 34.62 -26.71
C2 NAG K . 7.80 35.76 -27.61
C3 NAG K . 8.70 35.23 -28.71
C4 NAG K . 9.83 34.38 -28.14
C5 NAG K . 9.28 33.30 -27.22
C6 NAG K . 10.34 32.48 -26.53
C7 NAG K . 6.13 37.55 -27.61
C8 NAG K . 4.94 38.14 -28.32
N2 NAG K . 6.67 36.46 -28.18
O3 NAG K . 9.22 36.32 -29.46
O4 NAG K . 10.50 33.73 -29.21
O5 NAG K . 8.47 33.90 -26.20
O6 NAG K . 11.57 33.18 -26.38
O7 NAG K . 6.60 38.04 -26.59
C1 NAG K . 11.69 34.42 -29.60
C2 NAG K . 12.61 33.36 -30.20
C3 NAG K . 13.87 34.00 -30.79
C4 NAG K . 13.50 35.12 -31.76
C5 NAG K . 12.61 36.12 -31.03
C6 NAG K . 12.15 37.26 -31.90
C7 NAG K . 12.94 31.07 -29.39
C8 NAG K . 13.33 30.20 -28.22
N2 NAG K . 12.97 32.38 -29.18
O3 NAG K . 14.61 32.99 -31.46
O4 NAG K . 14.67 35.77 -32.26
O5 NAG K . 11.44 35.45 -30.56
O6 NAG K . 12.12 36.91 -33.28
O7 NAG K . 12.59 30.58 -30.48
C1 BMA K . 14.86 35.45 -33.66
C2 BMA K . 15.47 36.73 -34.36
C3 BMA K . 16.04 36.41 -35.75
C4 BMA K . 16.85 35.09 -35.76
C5 BMA K . 15.96 33.96 -35.23
C6 BMA K . 16.61 32.58 -35.29
O2 BMA K . 16.52 37.28 -33.59
O3 BMA K . 16.86 37.49 -36.22
O4 BMA K . 17.29 34.78 -37.08
O5 BMA K . 15.68 34.27 -33.84
O6 BMA K . 15.58 31.58 -35.17
C1 NAG L . -6.73 2.94 -36.37
C2 NAG L . -7.84 2.23 -37.13
C3 NAG L . -8.20 2.98 -38.40
C4 NAG L . -8.40 4.47 -38.15
C5 NAG L . -7.23 5.02 -37.35
C6 NAG L . -7.39 6.47 -36.96
C7 NAG L . -7.77 -0.17 -36.66
C8 NAG L . -7.30 -1.52 -37.14
N2 NAG L . -7.46 0.86 -37.43
O3 NAG L . -9.39 2.40 -38.92
O4 NAG L . -8.40 5.17 -39.39
O5 NAG L . -7.08 4.27 -36.14
O6 NAG L . -8.73 6.91 -36.93
O7 NAG L . -8.38 -0.04 -35.60
C1 NAG L . -9.70 5.29 -39.97
C2 NAG L . -9.64 6.44 -40.96
C3 NAG L . -10.95 6.55 -41.76
C4 NAG L . -11.37 5.19 -42.32
C5 NAG L . -11.34 4.13 -41.21
C6 NAG L . -11.64 2.73 -41.72
C7 NAG L . -8.22 8.34 -40.33
C8 NAG L . -8.14 9.63 -39.57
N2 NAG L . -9.38 7.70 -40.27
O3 NAG L . -10.76 7.47 -42.81
O4 NAG L . -12.71 5.27 -42.81
O5 NAG L . -10.04 4.10 -40.63
O6 NAG L . -10.46 2.08 -42.18
O7 NAG L . -7.27 7.91 -40.98
C1 BMA L . -12.76 5.54 -44.22
C2 BMA L . -14.18 5.16 -44.66
C3 BMA L . -14.39 5.53 -46.12
C4 BMA L . -14.02 7.01 -46.40
C5 BMA L . -12.59 7.34 -45.90
C6 BMA L . -12.29 8.84 -45.97
O2 BMA L . -15.16 5.86 -43.89
O3 BMA L . -15.74 5.26 -46.51
O4 BMA L . -14.12 7.29 -47.79
O5 BMA L . -12.46 6.93 -44.51
O6 BMA L . -10.97 9.08 -45.51
C1 FUC L . -9.10 7.00 -35.55
C2 FUC L . -9.29 8.56 -35.13
C3 FUC L . -10.70 9.04 -35.06
C4 FUC L . -11.57 7.98 -34.46
C5 FUC L . -11.52 6.77 -35.40
C6 FUC L . -12.53 5.69 -35.06
O2 FUC L . -8.56 9.47 -35.93
O3 FUC L . -10.73 10.19 -34.20
O4 FUC L . -11.06 7.64 -33.18
O5 FUC L . -10.24 6.17 -35.32
C1 NAG M . 48.79 8.98 -0.22
C2 NAG M . 49.90 9.40 -1.18
C3 NAG M . 49.99 10.92 -1.24
C4 NAG M . 48.62 11.54 -1.48
C5 NAG M . 47.56 10.93 -0.56
C6 NAG M . 46.15 11.40 -0.83
C7 NAG M . 51.78 8.96 0.36
C8 NAG M . 53.08 8.26 0.54
N2 NAG M . 51.18 8.80 -0.82
O3 NAG M . 50.89 11.28 -2.29
O4 NAG M . 48.64 12.92 -1.15
O5 NAG M . 47.58 9.49 -0.67
O6 NAG M . 45.84 11.51 -2.21
O7 NAG M . 51.30 9.67 1.26
C1 NAG M . 48.67 13.72 -2.34
C2 NAG M . 49.84 14.67 -2.10
C3 NAG M . 50.04 15.58 -3.31
C4 NAG M . 50.17 14.74 -4.58
C5 NAG M . 48.98 13.79 -4.71
C6 NAG M . 49.10 12.84 -5.88
C7 NAG M . 48.58 15.98 -0.39
C8 NAG M . 48.72 16.71 0.92
N2 NAG M . 49.71 15.42 -0.87
O3 NAG M . 51.23 16.32 -3.09
O4 NAG M . 50.28 15.50 -5.78
O5 NAG M . 48.89 12.96 -3.53
O6 NAG M . 47.83 12.60 -6.46
O7 NAG M . 47.51 15.93 -0.99
C1 BMA M . 50.01 16.92 -5.70
C2 BMA M . 51.35 17.64 -6.05
C3 BMA M . 51.13 19.15 -6.12
C4 BMA M . 49.90 19.52 -6.96
C5 BMA M . 48.66 18.73 -6.47
C6 BMA M . 47.40 19.03 -7.28
O2 BMA M . 51.86 17.22 -7.31
O3 BMA M . 52.30 19.80 -6.61
O4 BMA M . 49.64 20.91 -6.86
O5 BMA M . 48.95 17.32 -6.56
O6 BMA M . 46.55 19.88 -6.51
C1 FUC M . 45.32 10.22 -2.65
C2 FUC M . 44.00 10.39 -3.43
C3 FUC M . 44.25 11.30 -4.61
C4 FUC M . 45.35 10.66 -5.52
C5 FUC M . 46.62 10.34 -4.69
C6 FUC M . 47.64 9.50 -5.44
O2 FUC M . 42.88 10.77 -2.63
O3 FUC M . 43.05 11.47 -5.39
O4 FUC M . 44.88 9.46 -6.14
O5 FUC M . 46.30 9.61 -3.47
C1 NAG N . 31.20 21.33 28.63
C2 NAG N . 31.25 21.51 30.15
C3 NAG N . 32.59 22.11 30.57
C4 NAG N . 33.76 21.32 29.99
C5 NAG N . 33.58 21.14 28.49
C6 NAG N . 34.65 20.29 27.84
C7 NAG N . 29.09 21.86 31.27
C8 NAG N . 29.08 20.38 31.51
N2 NAG N . 30.15 22.35 30.61
O3 NAG N . 32.64 22.11 31.99
O4 NAG N . 34.96 22.03 30.22
O5 NAG N . 32.31 20.54 28.20
O6 NAG N . 35.14 19.23 28.66
O7 NAG N . 28.18 22.59 31.65
C1 NAG N . 35.70 21.59 31.38
C2 NAG N . 37.18 21.92 31.17
C3 NAG N . 38.00 21.60 32.43
C4 NAG N . 37.38 22.21 33.67
C5 NAG N . 35.90 21.80 33.76
C6 NAG N . 35.19 22.44 34.93
C7 NAG N . 38.05 21.77 28.87
C8 NAG N . 38.56 20.84 27.81
N2 NAG N . 37.71 21.20 30.03
O3 NAG N . 39.32 22.10 32.26
O4 NAG N . 38.07 21.77 34.83
O5 NAG N . 35.22 22.22 32.57
O6 NAG N . 35.45 23.84 35.00
O7 NAG N . 37.95 22.98 28.69
C1 BMA N . 38.82 22.88 35.40
C2 BMA N . 38.63 22.84 36.92
C3 BMA N . 39.41 24.00 37.55
C4 BMA N . 40.89 24.04 37.06
C5 BMA N . 40.95 23.98 35.52
C6 BMA N . 42.37 23.90 34.99
O2 BMA N . 39.16 21.63 37.47
O3 BMA N . 39.34 23.96 38.98
O4 BMA N . 41.53 25.22 37.51
O5 BMA N . 40.22 22.82 35.08
O6 BMA N . 42.61 25.07 34.21
C1 FUC N . 34.44 18.02 28.29
C2 FUC N . 35.44 16.91 27.70
C3 FUC N . 36.09 16.05 28.79
C4 FUC N . 35.04 15.57 29.78
C5 FUC N . 34.42 16.81 30.42
C6 FUC N . 33.43 16.47 31.52
O2 FUC N . 36.46 17.46 26.85
O3 FUC N . 36.74 14.91 28.21
O4 FUC N . 34.05 14.82 29.12
O5 FUC N . 33.69 17.56 29.43
#